data_7TX8
#
_entry.id   7TX8
#
_cell.length_a   98.060
_cell.length_b   98.060
_cell.length_c   273.930
_cell.angle_alpha   90.000
_cell.angle_beta   90.000
_cell.angle_gamma   120.000
#
_symmetry.space_group_name_H-M   'P 31 2 1'
#
loop_
_entity.id
_entity.type
_entity.pdbx_description
1 polymer 'Long form D7 salivary protein'
2 non-polymer SEROTONIN
3 non-polymer '(5Z)-7-{(1R,4S,5S,6R)-6-[(1E,3S)-3-hydroxyoct-1-en-1-yl]-2-oxabicyclo[2.2.1]hept-5-yl}hept-5-enoic acid'
4 water water
#
_entity_poly.entity_id   1
_entity_poly.type   'polypeptide(L)'
_entity_poly.pdbx_seq_one_letter_code
;RQRWTALTPEETLFIYTRCQEEHLPADNNSRKTYIENWHQWKLQPNDHVTQCYTKCVLEGLELYDGKQKKFRPGRVSSQH
VAYQFLNGATADEVAKYKGAIDALEPASDSCEDLYMAYFPVHETFVNVTRKLYHGTVEGAARVYNSDPNLKRKNESLFTY
CEKHVYGDQNREDMCRGRRYELTGSDELRNMIECVFRGLRYIKHGDINIDEIVRDFDHINRGDLEPRVRTILSDCRGIQP
YDYYSCLINSDIREEFKLAFDYRDVRSADYAYIVKGNTYDAQKVIAEMNKVEKHVCG
;
_entity_poly.pdbx_strand_id   A,B,C,D
#
loop_
_chem_comp.id
_chem_comp.type
_chem_comp.name
_chem_comp.formula
PUC non-polymer '(5Z)-7-{(1R,4S,5S,6R)-6-[(1E,3S)-3-hydroxyoct-1-en-1-yl]-2-oxabicyclo[2.2.1]hept-5-yl}hept-5-enoic acid' 'C21 H34 O4'
SRO non-polymer SEROTONIN 'C10 H12 N2 O'
#
# COMPACT_ATOMS: atom_id res chain seq x y z
N ARG A 3 1.19 19.87 -26.94
CA ARG A 3 -0.16 20.00 -26.37
C ARG A 3 -0.89 18.67 -26.43
N TRP A 4 -1.59 18.36 -25.34
CA TRP A 4 -2.39 17.14 -25.28
C TRP A 4 -3.71 17.39 -25.99
N THR A 5 -4.15 16.40 -26.77
CA THR A 5 -5.42 16.46 -27.47
C THR A 5 -6.50 15.72 -26.69
N ALA A 6 -7.67 16.35 -26.56
CA ALA A 6 -8.83 15.73 -25.94
C ALA A 6 -9.24 14.49 -26.71
N LEU A 7 -9.94 13.61 -26.01
CA LEU A 7 -10.35 12.33 -26.55
C LEU A 7 -11.74 12.40 -27.18
N THR A 8 -11.89 11.71 -28.31
CA THR A 8 -13.20 11.60 -28.93
C THR A 8 -14.02 10.51 -28.26
N PRO A 9 -15.33 10.50 -28.46
CA PRO A 9 -16.10 9.36 -27.97
C PRO A 9 -15.63 8.03 -28.56
N GLU A 10 -15.13 8.02 -29.79
CA GLU A 10 -14.57 6.77 -30.30
C GLU A 10 -13.40 6.35 -29.43
N GLU A 11 -12.53 7.29 -29.08
CA GLU A 11 -11.38 6.93 -28.29
C GLU A 11 -11.77 6.44 -26.90
N THR A 12 -12.67 7.14 -26.23
CA THR A 12 -12.99 6.68 -24.88
C THR A 12 -13.77 5.37 -24.93
N LEU A 13 -14.56 5.13 -25.97
CA LEU A 13 -15.27 3.87 -26.06
C LEU A 13 -14.27 2.73 -26.30
N PHE A 14 -13.25 3.03 -27.08
CA PHE A 14 -12.17 2.07 -27.24
C PHE A 14 -11.55 1.76 -25.89
N ILE A 15 -11.20 2.79 -25.12
CA ILE A 15 -10.62 2.61 -23.78
C ILE A 15 -11.53 1.70 -22.94
N TYR A 16 -12.79 2.10 -22.80
CA TYR A 16 -13.67 1.41 -21.87
C TYR A 16 -13.84 -0.05 -22.25
N THR A 17 -14.14 -0.30 -23.54
CA THR A 17 -14.31 -1.68 -23.96
C THR A 17 -13.00 -2.46 -23.84
N ARG A 18 -11.86 -1.87 -24.20
CA ARG A 18 -10.63 -2.64 -24.08
C ARG A 18 -10.33 -2.97 -22.62
N CYS A 19 -10.59 -2.04 -21.70
CA CYS A 19 -10.28 -2.28 -20.29
C CYS A 19 -11.19 -3.37 -19.74
N GLN A 20 -12.46 -3.36 -20.14
CA GLN A 20 -13.34 -4.42 -19.70
C GLN A 20 -12.87 -5.77 -20.23
N GLU A 21 -12.54 -5.85 -21.53
CA GLU A 21 -11.98 -7.07 -22.12
C GLU A 21 -10.79 -7.58 -21.32
N GLU A 22 -9.87 -6.67 -20.99
CA GLU A 22 -8.65 -7.09 -20.30
C GLU A 22 -8.89 -7.53 -18.87
N HIS A 23 -9.93 -7.01 -18.21
CA HIS A 23 -10.02 -7.26 -16.78
C HIS A 23 -11.28 -7.97 -16.30
N LEU A 24 -12.28 -8.16 -17.15
CA LEU A 24 -13.44 -8.95 -16.76
C LEU A 24 -13.02 -10.41 -16.60
N PRO A 25 -13.40 -11.08 -15.53
CA PRO A 25 -13.00 -12.48 -15.36
C PRO A 25 -13.62 -13.37 -16.41
N ALA A 26 -12.95 -14.49 -16.68
CA ALA A 26 -13.46 -15.43 -17.67
C ALA A 26 -14.69 -16.18 -17.19
N ASP A 27 -14.81 -16.46 -15.89
CA ASP A 27 -15.98 -17.14 -15.35
C ASP A 27 -17.29 -16.44 -15.74
N ASN A 28 -18.42 -17.00 -15.31
CA ASN A 28 -19.72 -16.46 -15.70
C ASN A 28 -20.39 -15.73 -14.54
N ASN A 29 -20.59 -16.41 -13.40
CA ASN A 29 -21.19 -15.77 -12.23
C ASN A 29 -20.36 -14.56 -11.79
N SER A 30 -19.03 -14.69 -11.82
CA SER A 30 -18.17 -13.58 -11.43
C SER A 30 -18.30 -12.42 -12.41
N ARG A 31 -18.19 -12.70 -13.72
CA ARG A 31 -18.17 -11.67 -14.75
C ARG A 31 -19.43 -10.81 -14.74
N LYS A 32 -20.59 -11.40 -14.41
CA LYS A 32 -21.85 -10.67 -14.49
C LYS A 32 -21.91 -9.54 -13.47
N THR A 33 -21.52 -9.84 -12.22
CA THR A 33 -21.42 -8.81 -11.20
C THR A 33 -20.61 -7.62 -11.70
N TYR A 34 -19.41 -7.91 -12.22
CA TYR A 34 -18.52 -6.83 -12.59
C TYR A 34 -19.12 -6.01 -13.71
N ILE A 35 -19.69 -6.68 -14.72
CA ILE A 35 -20.24 -5.94 -15.85
C ILE A 35 -21.40 -5.07 -15.39
N GLU A 36 -22.29 -5.64 -14.58
CA GLU A 36 -23.44 -4.88 -14.10
C GLU A 36 -23.00 -3.65 -13.32
N ASN A 37 -22.01 -3.82 -12.42
CA ASN A 37 -21.58 -2.68 -11.61
C ASN A 37 -20.88 -1.64 -12.46
N TRP A 38 -19.90 -2.08 -13.27
CA TRP A 38 -19.10 -1.13 -14.03
C TRP A 38 -19.93 -0.37 -15.03
N HIS A 39 -20.99 -0.99 -15.54
CA HIS A 39 -21.86 -0.27 -16.46
C HIS A 39 -22.47 0.96 -15.81
N GLN A 40 -22.95 0.79 -14.58
CA GLN A 40 -23.42 1.92 -13.81
C GLN A 40 -22.27 2.78 -13.25
N TRP A 41 -21.03 2.57 -13.66
CA TRP A 41 -19.90 3.36 -13.14
C TRP A 41 -19.72 3.18 -11.62
N LYS A 42 -20.11 2.02 -11.11
CA LYS A 42 -19.92 1.68 -9.72
C LYS A 42 -18.62 0.88 -9.62
N LEU A 43 -17.61 1.46 -8.97
CA LEU A 43 -16.31 0.81 -8.82
C LEU A 43 -16.35 -0.21 -7.69
N GLN A 44 -17.25 -1.18 -7.85
CA GLN A 44 -17.55 -2.23 -6.89
C GLN A 44 -17.65 -3.56 -7.62
N PRO A 45 -17.38 -4.68 -6.94
CA PRO A 45 -16.85 -4.68 -5.57
C PRO A 45 -15.37 -4.29 -5.55
N ASN A 46 -14.90 -3.86 -4.38
CA ASN A 46 -13.52 -3.41 -4.21
C ASN A 46 -12.60 -4.63 -4.07
N ASP A 47 -12.04 -5.05 -5.19
CA ASP A 47 -11.09 -6.15 -5.21
C ASP A 47 -10.13 -5.91 -6.37
N HIS A 48 -9.17 -6.85 -6.52
CA HIS A 48 -8.10 -6.70 -7.50
C HIS A 48 -8.65 -6.54 -8.90
N VAL A 49 -9.71 -7.26 -9.24
CA VAL A 49 -10.32 -7.09 -10.56
C VAL A 49 -10.77 -5.65 -10.77
N THR A 50 -11.58 -5.13 -9.83
CA THR A 50 -12.08 -3.76 -9.99
C THR A 50 -10.94 -2.76 -9.95
N GLN A 51 -9.97 -2.97 -9.05
CA GLN A 51 -8.89 -2.01 -8.87
C GLN A 51 -8.06 -1.87 -10.14
N CYS A 52 -7.73 -3.02 -10.78
CA CYS A 52 -6.94 -2.99 -12.00
C CYS A 52 -7.76 -2.50 -13.19
N TYR A 53 -9.07 -2.78 -13.20
CA TYR A 53 -9.93 -2.14 -14.19
C TYR A 53 -9.89 -0.62 -14.04
N THR A 54 -9.91 -0.15 -12.79
CA THR A 54 -9.90 1.29 -12.56
C THR A 54 -8.60 1.89 -13.04
N LYS A 55 -7.47 1.24 -12.71
CA LYS A 55 -6.18 1.72 -13.21
C LYS A 55 -6.18 1.80 -14.73
N CYS A 56 -6.72 0.76 -15.39
CA CYS A 56 -6.74 0.72 -16.84
C CYS A 56 -7.57 1.84 -17.45
N VAL A 57 -8.74 2.13 -16.87
CA VAL A 57 -9.55 3.23 -17.38
C VAL A 57 -8.84 4.55 -17.14
N LEU A 58 -8.31 4.74 -15.93
CA LEU A 58 -7.65 6.00 -15.61
C LEU A 58 -6.51 6.29 -16.58
N GLU A 59 -5.79 5.24 -17.01
CA GLU A 59 -4.67 5.45 -17.91
C GLU A 59 -5.10 5.56 -19.37
N GLY A 60 -6.15 4.85 -19.78
CA GLY A 60 -6.65 5.08 -21.12
C GLY A 60 -7.23 6.47 -21.30
N LEU A 61 -7.98 6.94 -20.30
CA LEU A 61 -8.45 8.32 -20.41
C LEU A 61 -7.31 9.28 -20.31
N GLU A 62 -6.15 8.79 -19.93
CA GLU A 62 -4.92 9.56 -19.81
C GLU A 62 -4.96 10.61 -18.71
N LEU A 63 -5.89 10.48 -17.74
CA LEU A 63 -5.85 11.27 -16.51
C LEU A 63 -4.65 10.93 -15.67
N TYR A 64 -4.20 9.68 -15.73
CA TYR A 64 -3.02 9.23 -15.03
C TYR A 64 -1.94 8.95 -16.08
N ASP A 65 -0.75 9.49 -15.85
CA ASP A 65 0.38 9.37 -16.75
C ASP A 65 1.29 8.25 -16.24
N GLY A 66 1.40 7.17 -17.02
CA GLY A 66 2.30 6.08 -16.64
C GLY A 66 3.78 6.46 -16.69
N LYS A 67 4.15 7.29 -17.67
CA LYS A 67 5.54 7.75 -17.77
C LYS A 67 5.88 8.61 -16.56
N GLN A 68 5.29 9.80 -16.49
CA GLN A 68 5.58 10.70 -15.38
C GLN A 68 5.10 10.14 -14.05
N LYS A 69 4.35 9.04 -14.06
CA LYS A 69 3.75 8.41 -12.88
C LYS A 69 3.04 9.44 -11.99
N LYS A 70 2.03 10.08 -12.57
CA LYS A 70 1.32 11.11 -11.85
C LYS A 70 0.09 11.53 -12.63
N PHE A 71 -0.94 11.96 -11.91
CA PHE A 71 -2.07 12.61 -12.55
C PHE A 71 -1.62 13.92 -13.19
N ARG A 72 -2.12 14.17 -14.40
CA ARG A 72 -1.87 15.43 -15.08
C ARG A 72 -3.18 16.20 -15.14
N PRO A 73 -3.48 17.01 -14.11
CA PRO A 73 -4.82 17.60 -14.01
C PRO A 73 -5.18 18.54 -15.14
N GLY A 74 -4.21 19.17 -15.80
CA GLY A 74 -4.58 20.10 -16.86
C GLY A 74 -5.35 19.43 -17.97
N ARG A 75 -5.12 18.12 -18.19
CA ARG A 75 -5.85 17.43 -19.25
C ARG A 75 -7.35 17.45 -19.01
N VAL A 76 -7.77 17.48 -17.74
CA VAL A 76 -9.18 17.71 -17.44
C VAL A 76 -9.70 18.90 -18.20
N SER A 77 -9.08 20.08 -17.96
CA SER A 77 -9.43 21.30 -18.66
C SER A 77 -9.47 21.09 -20.16
N SER A 78 -8.45 20.43 -20.72
CA SER A 78 -8.41 20.21 -22.16
C SER A 78 -9.67 19.47 -22.57
N GLN A 79 -9.91 18.33 -21.92
CA GLN A 79 -11.02 17.49 -22.31
C GLN A 79 -12.29 18.34 -22.39
N HIS A 80 -12.44 19.28 -21.44
CA HIS A 80 -13.66 20.06 -21.36
C HIS A 80 -13.75 21.07 -22.49
N VAL A 81 -12.68 21.83 -22.74
CA VAL A 81 -12.79 22.90 -23.74
C VAL A 81 -13.15 22.32 -25.11
N ALA A 82 -12.60 21.15 -25.45
CA ALA A 82 -12.85 20.57 -26.77
C ALA A 82 -14.32 20.27 -27.01
N TYR A 83 -15.12 20.14 -25.95
CA TYR A 83 -16.52 19.80 -26.12
C TYR A 83 -17.36 20.56 -25.12
N GLN A 84 -17.03 21.84 -24.90
CA GLN A 84 -17.57 22.59 -23.77
C GLN A 84 -19.06 22.93 -23.91
N PHE A 85 -19.60 22.94 -25.13
CA PHE A 85 -21.02 23.22 -25.29
C PHE A 85 -21.85 21.95 -25.30
N LEU A 86 -21.45 20.98 -26.11
CA LEU A 86 -22.14 19.70 -26.14
C LEU A 86 -22.01 18.96 -24.83
N ASN A 87 -21.14 19.44 -23.93
CA ASN A 87 -20.75 18.71 -22.73
C ASN A 87 -21.87 18.54 -21.74
N GLY A 88 -22.50 19.66 -21.38
CA GLY A 88 -23.34 19.72 -20.21
C GLY A 88 -22.61 20.04 -18.92
N ALA A 89 -21.29 20.22 -18.96
CA ALA A 89 -20.52 20.51 -17.76
C ALA A 89 -20.41 22.01 -17.48
N THR A 90 -20.43 22.35 -16.20
CA THR A 90 -20.34 23.76 -15.83
C THR A 90 -18.91 24.12 -15.45
N ALA A 91 -18.65 25.43 -15.41
CA ALA A 91 -17.34 25.91 -14.99
C ALA A 91 -16.99 25.39 -13.61
N ASP A 92 -17.94 25.50 -12.66
CA ASP A 92 -17.67 25.12 -11.28
C ASP A 92 -17.33 23.64 -11.18
N GLU A 93 -18.13 22.80 -11.85
CA GLU A 93 -17.90 21.36 -11.82
C GLU A 93 -16.49 21.01 -12.28
N VAL A 94 -16.06 21.55 -13.42
CA VAL A 94 -14.72 21.24 -13.93
C VAL A 94 -13.65 21.81 -13.03
N ALA A 95 -13.86 23.01 -12.50
CA ALA A 95 -12.89 23.55 -11.56
C ALA A 95 -12.68 22.59 -10.39
N LYS A 96 -13.76 22.16 -9.73
CA LYS A 96 -13.63 21.33 -8.55
C LYS A 96 -13.04 19.97 -8.90
N TYR A 97 -13.43 19.42 -10.05
CA TYR A 97 -12.91 18.13 -10.48
C TYR A 97 -11.41 18.22 -10.71
N LYS A 98 -10.98 19.26 -11.43
CA LYS A 98 -9.57 19.49 -11.69
C LYS A 98 -8.81 19.70 -10.38
N GLY A 99 -9.38 20.45 -9.45
CA GLY A 99 -8.69 20.66 -8.18
C GLY A 99 -8.50 19.38 -7.40
N ALA A 100 -9.58 18.61 -7.25
CA ALA A 100 -9.47 17.31 -6.59
C ALA A 100 -8.40 16.44 -7.27
N ILE A 101 -8.43 16.35 -8.60
CA ILE A 101 -7.41 15.52 -9.22
C ILE A 101 -6.01 16.11 -9.00
N ASP A 102 -5.93 17.43 -8.88
CA ASP A 102 -4.66 18.10 -8.63
C ASP A 102 -4.12 17.77 -7.25
N ALA A 103 -4.99 17.42 -6.31
CA ALA A 103 -4.55 17.08 -4.98
C ALA A 103 -4.13 15.63 -4.82
N LEU A 104 -4.31 14.80 -5.85
CA LEU A 104 -4.00 13.36 -5.76
C LEU A 104 -2.51 13.03 -6.00
N GLU A 105 -1.91 12.31 -5.05
CA GLU A 105 -0.55 11.80 -5.19
C GLU A 105 -0.57 10.38 -4.66
N PRO A 106 -0.88 9.40 -5.53
CA PRO A 106 -1.37 8.10 -5.06
C PRO A 106 -0.37 7.27 -4.27
N ALA A 107 0.89 7.69 -4.14
CA ALA A 107 1.89 6.96 -3.37
C ALA A 107 2.53 5.86 -4.18
N SER A 108 2.01 5.53 -5.36
CA SER A 108 2.62 4.54 -6.23
C SER A 108 1.72 4.40 -7.45
N ASP A 109 1.84 3.29 -8.17
CA ASP A 109 1.06 3.11 -9.38
C ASP A 109 0.43 1.72 -9.47
N SER A 110 0.46 0.94 -8.41
CA SER A 110 -0.28 -0.32 -8.41
C SER A 110 -1.79 -0.06 -8.49
N CYS A 111 -2.50 -1.09 -8.97
CA CYS A 111 -3.97 -1.06 -9.02
C CYS A 111 -4.55 -0.57 -7.70
N GLU A 112 -4.11 -1.19 -6.60
CA GLU A 112 -4.68 -0.94 -5.29
C GLU A 112 -4.45 0.50 -4.85
N ASP A 113 -3.24 1.01 -5.05
CA ASP A 113 -2.95 2.36 -4.57
C ASP A 113 -3.67 3.41 -5.42
N LEU A 114 -3.76 3.18 -6.74
CA LEU A 114 -4.41 4.17 -7.58
C LEU A 114 -5.90 4.20 -7.30
N TYR A 115 -6.47 3.02 -7.06
CA TYR A 115 -7.87 2.97 -6.66
C TYR A 115 -8.07 3.69 -5.32
N MET A 116 -7.23 3.38 -4.34
CA MET A 116 -7.36 4.00 -3.02
C MET A 116 -7.28 5.51 -3.11
N ALA A 117 -6.49 6.02 -4.05
CA ALA A 117 -6.35 7.46 -4.17
C ALA A 117 -7.55 8.05 -4.86
N TYR A 118 -7.87 7.53 -6.04
CA TYR A 118 -8.82 8.17 -6.91
C TYR A 118 -10.25 7.87 -6.51
N PHE A 119 -10.49 6.89 -5.65
CA PHE A 119 -11.84 6.41 -5.44
C PHE A 119 -12.77 7.50 -4.92
N PRO A 120 -12.40 8.30 -3.91
CA PRO A 120 -13.32 9.35 -3.42
C PRO A 120 -13.56 10.41 -4.46
N VAL A 121 -12.56 10.68 -5.29
CA VAL A 121 -12.78 11.59 -6.40
C VAL A 121 -13.85 11.04 -7.33
N HIS A 122 -13.78 9.74 -7.62
CA HIS A 122 -14.74 9.14 -8.52
C HIS A 122 -16.14 9.17 -7.90
N GLU A 123 -16.24 8.81 -6.62
CA GLU A 123 -17.54 8.87 -5.95
C GLU A 123 -18.12 10.27 -6.01
N THR A 124 -17.28 11.29 -5.90
CA THR A 124 -17.79 12.65 -5.83
C THR A 124 -18.13 13.21 -7.21
N PHE A 125 -17.32 12.94 -8.22
CA PHE A 125 -17.44 13.63 -9.49
C PHE A 125 -17.69 12.68 -10.65
N VAL A 126 -18.26 11.50 -10.37
CA VAL A 126 -18.47 10.53 -11.44
C VAL A 126 -19.25 11.16 -12.59
N ASN A 127 -20.26 11.98 -12.27
CA ASN A 127 -21.09 12.56 -13.33
C ASN A 127 -20.34 13.60 -14.13
N VAL A 128 -19.39 14.29 -13.50
CA VAL A 128 -18.56 15.19 -14.28
C VAL A 128 -17.67 14.38 -15.20
N THR A 129 -17.12 13.29 -14.69
CA THR A 129 -16.27 12.47 -15.53
C THR A 129 -17.06 11.90 -16.71
N ARG A 130 -18.33 11.59 -16.49
CA ARG A 130 -19.11 10.99 -17.55
C ARG A 130 -19.47 12.02 -18.60
N LYS A 131 -19.66 13.27 -18.19
CA LYS A 131 -19.86 14.35 -19.15
C LYS A 131 -18.60 14.63 -19.94
N LEU A 132 -17.44 14.71 -19.27
CA LEU A 132 -16.25 15.17 -19.95
C LEU A 132 -15.73 14.12 -20.91
N TYR A 133 -15.71 12.86 -20.49
CA TYR A 133 -15.14 11.79 -21.29
C TYR A 133 -16.21 10.98 -22.00
N HIS A 134 -17.31 11.63 -22.36
CA HIS A 134 -18.32 10.97 -23.14
C HIS A 134 -18.73 9.66 -22.49
N GLY A 135 -18.95 9.69 -21.18
CA GLY A 135 -19.41 8.48 -20.54
C GLY A 135 -20.91 8.26 -20.49
N THR A 136 -21.72 8.95 -21.29
CA THR A 136 -23.12 8.58 -21.41
C THR A 136 -23.47 8.44 -22.89
N VAL A 137 -24.48 7.61 -23.16
CA VAL A 137 -24.94 7.40 -24.52
C VAL A 137 -25.50 8.69 -25.11
N GLU A 138 -26.19 9.50 -24.30
CA GLU A 138 -26.67 10.80 -24.79
C GLU A 138 -25.53 11.76 -25.15
N GLY A 139 -24.55 11.93 -24.25
CA GLY A 139 -23.49 12.89 -24.52
C GLY A 139 -22.62 12.48 -25.70
N ALA A 140 -22.20 11.20 -25.72
CA ALA A 140 -21.48 10.65 -26.86
C ALA A 140 -22.28 10.81 -28.14
N ALA A 141 -23.60 10.59 -28.08
CA ALA A 141 -24.39 10.72 -29.30
C ALA A 141 -24.43 12.18 -29.77
N ARG A 142 -24.54 13.12 -28.83
CA ARG A 142 -24.50 14.53 -29.21
C ARG A 142 -23.22 14.85 -29.96
N VAL A 143 -22.08 14.35 -29.46
CA VAL A 143 -20.80 14.67 -30.09
C VAL A 143 -20.71 14.02 -31.47
N TYR A 144 -20.94 12.70 -31.55
CA TYR A 144 -20.99 12.04 -32.85
C TYR A 144 -21.83 12.83 -33.86
N ASN A 145 -23.03 13.26 -33.46
CA ASN A 145 -23.90 14.06 -34.32
C ASN A 145 -23.31 15.42 -34.64
N SER A 146 -22.39 15.93 -33.83
CA SER A 146 -21.81 17.22 -34.17
C SER A 146 -20.62 17.12 -35.12
N ASP A 147 -20.11 15.92 -35.35
CA ASP A 147 -18.83 15.79 -36.04
C ASP A 147 -18.85 14.61 -36.98
N PRO A 148 -19.00 14.86 -38.27
CA PRO A 148 -19.14 13.75 -39.21
C PRO A 148 -17.85 13.03 -39.49
N ASN A 149 -16.74 13.41 -38.87
CA ASN A 149 -15.49 12.74 -39.16
C ASN A 149 -15.15 11.65 -38.15
N LEU A 150 -16.03 11.41 -37.20
CA LEU A 150 -15.81 10.41 -36.18
C LEU A 150 -16.44 9.10 -36.62
N LYS A 151 -15.75 7.99 -36.36
CA LYS A 151 -16.32 6.65 -36.59
C LYS A 151 -17.43 6.33 -35.58
N ARG A 152 -18.55 5.86 -36.09
CA ARG A 152 -19.72 5.55 -35.28
C ARG A 152 -19.66 4.13 -34.63
N LYS A 153 -20.49 3.96 -33.59
CA LYS A 153 -20.49 2.73 -32.79
C LYS A 153 -20.58 1.50 -33.66
N ASN A 154 -21.61 1.41 -34.48
CA ASN A 154 -21.84 0.18 -35.21
C ASN A 154 -21.23 0.22 -36.59
N GLU A 155 -20.25 1.07 -36.79
CA GLU A 155 -19.66 1.26 -38.10
C GLU A 155 -18.30 0.59 -38.14
N SER A 156 -18.04 -0.15 -39.21
CA SER A 156 -16.77 -0.86 -39.32
C SER A 156 -15.66 0.15 -39.52
N LEU A 157 -14.55 -0.04 -38.84
CA LEU A 157 -13.42 0.82 -39.17
C LEU A 157 -13.12 0.77 -40.66
N PHE A 158 -13.26 -0.41 -41.28
CA PHE A 158 -12.76 -0.55 -42.63
C PHE A 158 -13.64 0.20 -43.62
N THR A 159 -14.96 0.08 -43.49
CA THR A 159 -15.85 0.80 -44.40
C THR A 159 -15.79 2.31 -44.18
N TYR A 160 -15.63 2.73 -42.92
CA TYR A 160 -15.35 4.12 -42.58
C TYR A 160 -14.12 4.64 -43.32
N CYS A 161 -12.96 3.99 -43.12
CA CYS A 161 -11.74 4.40 -43.80
C CYS A 161 -11.91 4.34 -45.31
N GLU A 162 -12.66 3.37 -45.84
CA GLU A 162 -12.87 3.33 -47.28
C GLU A 162 -13.58 4.59 -47.73
N LYS A 163 -14.66 4.95 -47.03
CA LYS A 163 -15.42 6.12 -47.47
C LYS A 163 -14.64 7.41 -47.29
N HIS A 164 -13.69 7.45 -46.37
CA HIS A 164 -12.86 8.63 -46.33
C HIS A 164 -11.70 8.61 -47.34
N VAL A 165 -11.16 7.47 -47.71
CA VAL A 165 -9.94 7.46 -48.51
C VAL A 165 -10.25 7.33 -50.01
N TYR A 166 -11.22 6.50 -50.37
CA TYR A 166 -11.57 6.24 -51.76
C TYR A 166 -12.77 7.05 -52.24
N GLY A 167 -13.67 7.41 -51.34
CA GLY A 167 -14.87 8.08 -51.76
C GLY A 167 -15.70 7.20 -52.69
N ASP A 168 -16.14 7.79 -53.81
CA ASP A 168 -16.80 7.05 -54.87
C ASP A 168 -15.90 6.94 -56.11
N GLN A 169 -14.60 6.86 -55.90
CA GLN A 169 -13.63 6.86 -56.97
C GLN A 169 -12.62 5.73 -56.75
N ASN A 170 -12.18 5.11 -57.84
CA ASN A 170 -11.25 4.01 -57.73
C ASN A 170 -11.92 2.76 -57.14
N ARG A 171 -13.21 2.59 -57.43
CA ARG A 171 -13.87 1.41 -56.94
C ARG A 171 -13.08 0.15 -57.30
N GLU A 172 -12.41 0.11 -58.47
CA GLU A 172 -11.68 -1.10 -58.85
C GLU A 172 -10.47 -1.30 -57.94
N ASP A 173 -9.69 -0.25 -57.71
CA ASP A 173 -8.57 -0.36 -56.79
C ASP A 173 -9.06 -0.71 -55.37
N MET A 174 -10.20 -0.17 -54.94
CA MET A 174 -10.70 -0.50 -53.60
C MET A 174 -11.13 -1.96 -53.54
N CYS A 175 -11.67 -2.47 -54.64
CA CYS A 175 -12.09 -3.86 -54.69
C CYS A 175 -10.88 -4.77 -54.59
N ARG A 176 -9.83 -4.46 -55.34
CA ARG A 176 -8.63 -5.26 -55.27
C ARG A 176 -8.02 -5.16 -53.87
N GLY A 177 -8.04 -3.96 -53.29
CA GLY A 177 -7.49 -3.79 -51.95
C GLY A 177 -8.25 -4.58 -50.91
N ARG A 178 -9.57 -4.62 -51.02
CA ARG A 178 -10.38 -5.38 -50.07
C ARG A 178 -10.19 -6.88 -50.25
N ARG A 179 -9.74 -7.32 -51.43
CA ARG A 179 -9.32 -8.70 -51.62
C ARG A 179 -7.88 -8.96 -51.22
N TYR A 180 -7.23 -8.01 -50.53
CA TYR A 180 -5.88 -8.18 -50.01
C TYR A 180 -4.80 -8.13 -51.11
N GLU A 181 -5.04 -7.36 -52.16
CA GLU A 181 -4.02 -7.12 -53.17
C GLU A 181 -3.11 -6.00 -52.71
N LEU A 182 -1.81 -6.17 -52.97
CA LEU A 182 -0.85 -5.11 -52.71
C LEU A 182 -0.71 -4.19 -53.93
N THR A 183 -1.78 -3.47 -54.26
CA THR A 183 -1.79 -2.68 -55.50
C THR A 183 -0.79 -1.54 -55.47
N GLY A 184 -0.33 -1.15 -54.29
CA GLY A 184 0.70 -0.14 -54.14
C GLY A 184 0.27 1.27 -54.42
N SER A 185 -1.00 1.49 -54.79
CA SER A 185 -1.55 2.81 -55.07
C SER A 185 -1.56 3.69 -53.81
N ASP A 186 -1.60 5.02 -54.05
CA ASP A 186 -1.61 5.96 -52.94
C ASP A 186 -2.86 5.77 -52.08
N GLU A 187 -4.00 5.54 -52.73
CA GLU A 187 -5.24 5.36 -51.97
C GLU A 187 -5.14 4.15 -51.06
N LEU A 188 -4.58 3.05 -51.55
CA LEU A 188 -4.41 1.90 -50.66
C LEU A 188 -3.43 2.17 -49.52
N ARG A 189 -2.41 2.99 -49.76
CA ARG A 189 -1.49 3.34 -48.68
C ARG A 189 -2.18 4.17 -47.59
N ASN A 190 -2.97 5.17 -48.00
CA ASN A 190 -3.70 5.96 -47.03
C ASN A 190 -4.73 5.07 -46.34
N MET A 191 -5.29 4.13 -47.07
CA MET A 191 -6.27 3.26 -46.46
C MET A 191 -5.62 2.44 -45.35
N ILE A 192 -4.45 1.88 -45.63
CA ILE A 192 -3.82 1.05 -44.62
C ILE A 192 -3.38 1.91 -43.44
N GLU A 193 -2.93 3.15 -43.69
CA GLU A 193 -2.60 4.02 -42.57
C GLU A 193 -3.83 4.32 -41.73
N CYS A 194 -4.93 4.69 -42.38
CA CYS A 194 -6.17 4.94 -41.64
C CYS A 194 -6.53 3.75 -40.76
N VAL A 195 -6.45 2.53 -41.33
CA VAL A 195 -6.87 1.32 -40.61
C VAL A 195 -5.94 1.03 -39.45
N PHE A 196 -4.62 1.16 -39.68
CA PHE A 196 -3.65 0.93 -38.61
C PHE A 196 -3.82 1.95 -37.50
N ARG A 197 -4.01 3.22 -37.84
CA ARG A 197 -4.25 4.21 -36.80
C ARG A 197 -5.49 3.81 -35.99
N GLY A 198 -6.56 3.40 -36.68
CA GLY A 198 -7.79 3.16 -35.94
C GLY A 198 -7.79 1.84 -35.19
N LEU A 199 -6.98 0.89 -35.64
CA LEU A 199 -6.82 -0.37 -34.92
C LEU A 199 -5.82 -0.26 -33.78
N ARG A 200 -5.17 0.89 -33.63
CA ARG A 200 -4.03 1.10 -32.74
C ARG A 200 -2.83 0.23 -33.10
N TYR A 201 -2.77 -0.27 -34.34
CA TYR A 201 -1.58 -0.98 -34.74
C TYR A 201 -0.39 -0.06 -34.76
N ILE A 202 -0.65 1.23 -34.93
CA ILE A 202 0.38 2.26 -34.97
C ILE A 202 -0.13 3.44 -34.16
N LYS A 203 0.77 4.02 -33.37
CA LYS A 203 0.49 5.23 -32.59
C LYS A 203 1.71 6.14 -32.56
N HIS A 204 1.46 7.43 -32.72
CA HIS A 204 2.54 8.42 -32.70
C HIS A 204 3.68 7.99 -33.61
N GLY A 205 3.35 7.30 -34.70
CA GLY A 205 4.33 6.86 -35.68
C GLY A 205 5.01 5.54 -35.38
N ASP A 206 4.87 4.99 -34.18
CA ASP A 206 5.57 3.77 -33.79
C ASP A 206 4.63 2.58 -33.86
N ILE A 207 5.04 1.52 -34.55
CA ILE A 207 4.14 0.37 -34.69
C ILE A 207 3.89 -0.25 -33.32
N ASN A 208 2.76 -0.92 -33.18
CA ASN A 208 2.35 -1.53 -31.91
C ASN A 208 2.24 -3.04 -32.09
N ILE A 209 3.37 -3.74 -31.91
CA ILE A 209 3.42 -5.17 -32.19
C ILE A 209 2.53 -5.97 -31.24
N ASP A 210 2.39 -5.54 -29.99
CA ASP A 210 1.47 -6.25 -29.10
C ASP A 210 0.03 -6.27 -29.63
N GLU A 211 -0.44 -5.19 -30.28
CA GLU A 211 -1.82 -5.15 -30.78
C GLU A 211 -2.04 -6.14 -31.93
N ILE A 212 -1.09 -6.22 -32.84
CA ILE A 212 -1.23 -7.19 -33.91
C ILE A 212 -1.18 -8.58 -33.32
N VAL A 213 -0.26 -8.80 -32.38
CA VAL A 213 -0.16 -10.12 -31.76
C VAL A 213 -1.49 -10.48 -31.14
N ARG A 214 -2.18 -9.49 -30.57
CA ARG A 214 -3.40 -9.81 -29.88
C ARG A 214 -4.47 -10.22 -30.87
N ASP A 215 -4.50 -9.57 -32.03
CA ASP A 215 -5.45 -10.03 -33.05
C ASP A 215 -5.08 -11.41 -33.56
N PHE A 216 -3.81 -11.81 -33.42
CA PHE A 216 -3.48 -13.18 -33.76
C PHE A 216 -3.96 -14.14 -32.68
N ASP A 217 -3.88 -13.74 -31.41
CA ASP A 217 -4.37 -14.56 -30.32
C ASP A 217 -5.89 -14.75 -30.45
N HIS A 218 -6.59 -13.71 -30.91
CA HIS A 218 -8.04 -13.76 -30.98
C HIS A 218 -8.55 -14.77 -31.99
N ILE A 219 -7.70 -15.28 -32.86
CA ILE A 219 -8.09 -16.33 -33.79
C ILE A 219 -7.59 -17.70 -33.34
N ASN A 220 -7.18 -17.81 -32.08
CA ASN A 220 -6.58 -19.04 -31.59
C ASN A 220 -5.37 -19.43 -32.42
N ARG A 221 -4.51 -18.45 -32.70
CA ARG A 221 -3.21 -18.70 -33.30
C ARG A 221 -2.13 -17.98 -32.52
N GLY A 222 -2.26 -17.95 -31.18
CA GLY A 222 -1.23 -17.40 -30.35
C GLY A 222 0.13 -18.02 -30.63
N ASP A 223 0.14 -19.26 -31.11
CA ASP A 223 1.39 -19.94 -31.43
C ASP A 223 2.22 -19.18 -32.44
N LEU A 224 1.60 -18.27 -33.17
CA LEU A 224 2.30 -17.48 -34.17
C LEU A 224 2.95 -16.23 -33.60
N GLU A 225 2.78 -15.93 -32.32
CA GLU A 225 3.29 -14.68 -31.77
C GLU A 225 4.76 -14.44 -32.07
N PRO A 226 5.67 -15.38 -31.78
CA PRO A 226 7.07 -15.15 -32.14
C PRO A 226 7.26 -14.87 -33.61
N ARG A 227 6.60 -15.64 -34.48
CA ARG A 227 6.71 -15.42 -35.91
C ARG A 227 6.17 -14.04 -36.28
N VAL A 228 5.12 -13.59 -35.59
CA VAL A 228 4.57 -12.27 -35.87
C VAL A 228 5.55 -11.18 -35.43
N ARG A 229 6.36 -11.45 -34.40
CA ARG A 229 7.33 -10.45 -33.94
C ARG A 229 8.53 -10.36 -34.88
N THR A 230 9.15 -11.50 -35.20
CA THR A 230 10.24 -11.52 -36.16
C THR A 230 9.92 -10.64 -37.39
N ILE A 231 8.86 -11.01 -38.12
CA ILE A 231 8.38 -10.26 -39.27
C ILE A 231 8.35 -8.76 -38.97
N LEU A 232 7.57 -8.36 -37.96
CA LEU A 232 7.44 -6.95 -37.67
C LEU A 232 8.76 -6.32 -37.20
N SER A 233 9.59 -7.08 -36.49
CA SER A 233 10.89 -6.54 -36.10
C SER A 233 11.88 -6.51 -37.25
N ASP A 234 11.62 -7.20 -38.36
CA ASP A 234 12.56 -7.20 -39.48
C ASP A 234 12.12 -6.32 -40.62
N CYS A 235 10.86 -5.88 -40.61
CA CYS A 235 10.35 -5.00 -41.64
C CYS A 235 11.13 -3.70 -41.64
N ARG A 236 11.64 -3.32 -42.81
CA ARG A 236 12.54 -2.18 -42.85
C ARG A 236 11.82 -0.85 -42.95
N GLY A 237 10.59 -0.80 -43.43
CA GLY A 237 9.87 0.45 -43.49
C GLY A 237 9.33 0.95 -42.14
N ILE A 238 8.65 2.09 -42.17
CA ILE A 238 8.10 2.67 -40.95
C ILE A 238 6.67 3.10 -41.20
N GLN A 239 6.23 2.98 -42.44
CA GLN A 239 4.86 3.31 -42.86
C GLN A 239 3.90 2.11 -42.72
N PRO A 240 2.66 2.33 -42.32
CA PRO A 240 1.73 1.19 -42.19
C PRO A 240 1.75 0.22 -43.37
N TYR A 241 1.79 0.74 -44.59
CA TYR A 241 1.80 -0.15 -45.76
C TYR A 241 3.02 -1.07 -45.77
N ASP A 242 4.14 -0.63 -45.19
CA ASP A 242 5.34 -1.49 -45.12
C ASP A 242 5.09 -2.73 -44.25
N TYR A 243 4.58 -2.54 -43.02
CA TYR A 243 4.29 -3.67 -42.14
C TYR A 243 3.16 -4.53 -42.73
N TYR A 244 2.15 -3.89 -43.29
CA TYR A 244 1.08 -4.60 -43.96
C TYR A 244 1.64 -5.54 -45.02
N SER A 245 2.51 -5.04 -45.90
CA SER A 245 3.11 -5.86 -46.96
C SER A 245 4.02 -6.93 -46.40
N CYS A 246 4.78 -6.61 -45.37
CA CYS A 246 5.54 -7.65 -44.66
C CYS A 246 4.64 -8.78 -44.21
N LEU A 247 3.50 -8.46 -43.59
CA LEU A 247 2.60 -9.54 -43.19
C LEU A 247 2.01 -10.29 -44.41
N ILE A 248 1.55 -9.58 -45.44
CA ILE A 248 0.92 -10.24 -46.59
C ILE A 248 1.93 -11.10 -47.36
N ASN A 249 3.16 -10.62 -47.52
CA ASN A 249 4.19 -11.40 -48.20
C ASN A 249 4.98 -12.20 -47.19
N SER A 250 4.29 -13.12 -46.53
CA SER A 250 4.92 -13.95 -45.51
C SER A 250 4.26 -15.31 -45.54
N ASP A 251 4.81 -16.23 -44.76
CA ASP A 251 4.22 -17.55 -44.61
C ASP A 251 3.01 -17.55 -43.68
N ILE A 252 2.67 -16.41 -43.08
CA ILE A 252 1.49 -16.30 -42.24
C ILE A 252 0.49 -15.35 -42.89
N ARG A 253 0.51 -15.26 -44.22
CA ARG A 253 -0.42 -14.41 -44.94
C ARG A 253 -1.88 -14.78 -44.65
N GLU A 254 -2.22 -16.06 -44.81
CA GLU A 254 -3.61 -16.45 -44.68
C GLU A 254 -4.08 -16.32 -43.25
N GLU A 255 -3.19 -16.66 -42.30
CA GLU A 255 -3.51 -16.41 -40.89
C GLU A 255 -3.71 -14.94 -40.65
N PHE A 256 -2.91 -14.08 -41.30
CA PHE A 256 -3.09 -12.65 -41.12
C PHE A 256 -4.44 -12.20 -41.63
N LYS A 257 -4.90 -12.76 -42.75
CA LYS A 257 -6.20 -12.37 -43.27
C LYS A 257 -7.29 -12.78 -42.30
N LEU A 258 -7.21 -13.99 -41.78
CA LEU A 258 -8.19 -14.41 -40.79
C LEU A 258 -8.23 -13.44 -39.61
N ALA A 259 -7.04 -13.01 -39.15
CA ALA A 259 -6.94 -12.10 -38.00
C ALA A 259 -7.51 -10.75 -38.34
N PHE A 260 -7.10 -10.21 -39.48
CA PHE A 260 -7.55 -8.90 -39.92
C PHE A 260 -9.07 -8.87 -40.05
N ASP A 261 -9.67 -9.90 -40.67
CA ASP A 261 -11.11 -9.95 -40.88
C ASP A 261 -11.87 -10.05 -39.57
N TYR A 262 -11.40 -10.92 -38.67
CA TYR A 262 -12.03 -10.93 -37.36
C TYR A 262 -11.95 -9.55 -36.73
N ARG A 263 -10.81 -8.88 -36.86
CA ARG A 263 -10.68 -7.60 -36.19
C ARG A 263 -11.61 -6.58 -36.84
N ASP A 264 -11.80 -6.67 -38.15
CA ASP A 264 -12.75 -5.80 -38.82
C ASP A 264 -14.13 -5.99 -38.20
N VAL A 265 -14.54 -7.26 -38.08
CA VAL A 265 -15.86 -7.54 -37.53
C VAL A 265 -15.96 -6.94 -36.14
N ARG A 266 -14.90 -7.07 -35.34
CA ARG A 266 -14.94 -6.58 -33.97
C ARG A 266 -14.75 -5.07 -33.89
N SER A 267 -14.36 -4.44 -35.01
CA SER A 267 -14.27 -2.99 -35.10
C SER A 267 -15.61 -2.37 -35.35
N ALA A 268 -16.55 -3.15 -35.91
CA ALA A 268 -17.88 -2.59 -36.08
C ALA A 268 -18.71 -2.68 -34.81
N ASP A 269 -18.11 -3.12 -33.70
CA ASP A 269 -18.81 -3.12 -32.44
C ASP A 269 -17.86 -3.30 -31.27
N TYR A 270 -17.35 -2.19 -30.73
CA TYR A 270 -16.25 -2.28 -29.76
C TYR A 270 -16.52 -3.23 -28.59
N ALA A 271 -17.78 -3.46 -28.21
CA ALA A 271 -18.15 -4.31 -27.09
C ALA A 271 -18.36 -5.76 -27.51
N TYR A 272 -17.80 -6.14 -28.65
CA TYR A 272 -18.07 -7.46 -29.20
C TYR A 272 -17.74 -8.56 -28.19
N ILE A 273 -16.56 -8.46 -27.56
CA ILE A 273 -16.12 -9.53 -26.64
C ILE A 273 -16.76 -9.34 -25.26
N VAL A 274 -17.01 -8.10 -24.86
CA VAL A 274 -17.68 -7.88 -23.58
C VAL A 274 -19.01 -8.59 -23.55
N LYS A 275 -19.90 -8.30 -24.50
CA LYS A 275 -21.19 -8.97 -24.59
C LYS A 275 -21.10 -10.49 -24.66
N GLY A 276 -19.93 -11.07 -24.88
CA GLY A 276 -19.80 -12.52 -24.86
C GLY A 276 -19.73 -13.22 -26.21
N ASN A 277 -19.54 -12.48 -27.30
CA ASN A 277 -19.40 -13.12 -28.60
C ASN A 277 -18.06 -13.81 -28.75
N THR A 278 -18.05 -14.94 -29.45
CA THR A 278 -16.85 -15.74 -29.65
C THR A 278 -16.49 -15.83 -31.13
N TYR A 279 -15.34 -16.45 -31.39
CA TYR A 279 -14.79 -16.38 -32.72
C TYR A 279 -15.42 -17.47 -33.57
N ASP A 280 -15.84 -17.12 -34.78
CA ASP A 280 -16.55 -18.04 -35.66
C ASP A 280 -16.10 -17.72 -37.09
N ALA A 281 -15.10 -18.46 -37.56
CA ALA A 281 -14.46 -18.16 -38.84
C ALA A 281 -15.46 -18.14 -39.99
N GLN A 282 -16.44 -19.05 -39.97
CA GLN A 282 -17.44 -19.11 -41.03
C GLN A 282 -18.31 -17.85 -41.06
N LYS A 283 -18.83 -17.41 -39.90
CA LYS A 283 -19.64 -16.18 -39.88
C LYS A 283 -18.81 -14.99 -40.31
N VAL A 284 -17.57 -14.91 -39.83
CA VAL A 284 -16.70 -13.80 -40.18
C VAL A 284 -16.56 -13.69 -41.70
N ILE A 285 -16.18 -14.79 -42.34
CA ILE A 285 -15.94 -14.74 -43.77
C ILE A 285 -17.24 -14.52 -44.55
N ALA A 286 -18.36 -15.07 -44.07
CA ALA A 286 -19.65 -14.81 -44.72
C ALA A 286 -19.98 -13.31 -44.71
N GLU A 287 -19.82 -12.65 -43.56
CA GLU A 287 -20.00 -11.19 -43.49
C GLU A 287 -19.07 -10.47 -44.48
N MET A 288 -17.76 -10.80 -44.41
CA MET A 288 -16.78 -10.20 -45.33
C MET A 288 -17.17 -10.40 -46.79
N ASN A 289 -17.74 -11.58 -47.12
CA ASN A 289 -18.07 -11.89 -48.51
C ASN A 289 -19.23 -11.03 -48.97
N LYS A 290 -20.20 -10.80 -48.10
CA LYS A 290 -21.30 -9.89 -48.46
C LYS A 290 -20.75 -8.50 -48.76
N VAL A 291 -19.93 -7.95 -47.86
CA VAL A 291 -19.38 -6.62 -48.15
C VAL A 291 -18.54 -6.62 -49.42
N GLU A 292 -17.68 -7.61 -49.60
CA GLU A 292 -16.82 -7.61 -50.76
C GLU A 292 -17.58 -7.78 -52.06
N LYS A 293 -18.64 -8.61 -52.04
CA LYS A 293 -19.47 -8.69 -53.24
C LYS A 293 -20.16 -7.38 -53.51
N HIS A 294 -20.52 -6.63 -52.47
CA HIS A 294 -21.07 -5.30 -52.75
C HIS A 294 -20.01 -4.36 -53.33
N VAL A 295 -18.80 -4.41 -52.80
CA VAL A 295 -17.77 -3.47 -53.24
C VAL A 295 -17.32 -3.80 -54.65
N CYS A 296 -17.06 -5.08 -54.91
CA CYS A 296 -16.67 -5.55 -56.23
C CYS A 296 -17.87 -5.76 -57.15
N GLY A 297 -19.06 -5.32 -56.76
CA GLY A 297 -20.26 -5.59 -57.55
C GLY A 297 -20.18 -5.19 -59.00
N ARG B 3 35.86 2.82 5.58
CA ARG B 3 34.77 1.84 5.46
C ARG B 3 33.75 2.02 6.57
N TRP B 4 32.60 1.35 6.43
CA TRP B 4 31.57 1.36 7.46
C TRP B 4 32.06 0.66 8.75
N THR B 5 31.71 1.24 9.89
CA THR B 5 32.15 0.77 11.18
C THR B 5 30.98 0.08 11.89
N ALA B 6 31.23 -1.15 12.35
CA ALA B 6 30.24 -1.92 13.12
C ALA B 6 29.71 -1.09 14.27
N LEU B 7 28.50 -1.43 14.69
CA LEU B 7 27.80 -0.74 15.77
C LEU B 7 28.07 -1.44 17.09
N THR B 8 28.31 -0.65 18.13
CA THR B 8 28.50 -1.16 19.49
C THR B 8 27.15 -1.49 20.15
N PRO B 9 27.16 -2.26 21.24
CA PRO B 9 25.89 -2.46 21.98
C PRO B 9 25.30 -1.16 22.50
N GLU B 10 26.14 -0.22 22.94
CA GLU B 10 25.56 1.05 23.35
C GLU B 10 24.78 1.69 22.21
N GLU B 11 25.33 1.62 21.00
CA GLU B 11 24.72 2.24 19.83
C GLU B 11 23.42 1.56 19.45
N THR B 12 23.39 0.23 19.44
CA THR B 12 22.15 -0.45 19.08
C THR B 12 21.09 -0.26 20.14
N LEU B 13 21.49 -0.23 21.41
CA LEU B 13 20.50 0.01 22.45
C LEU B 13 19.91 1.39 22.28
N PHE B 14 20.78 2.35 21.94
CA PHE B 14 20.31 3.68 21.65
C PHE B 14 19.28 3.66 20.51
N ILE B 15 19.58 2.91 19.44
CA ILE B 15 18.64 2.76 18.31
C ILE B 15 17.29 2.20 18.77
N TYR B 16 17.32 1.04 19.44
CA TYR B 16 16.04 0.42 19.82
C TYR B 16 15.23 1.33 20.73
N THR B 17 15.85 1.88 21.77
CA THR B 17 15.07 2.69 22.72
C THR B 17 14.55 3.98 22.05
N ARG B 18 15.37 4.64 21.23
CA ARG B 18 14.86 5.82 20.53
C ARG B 18 13.71 5.46 19.59
N CYS B 19 13.81 4.33 18.86
CA CYS B 19 12.73 3.97 17.93
C CYS B 19 11.45 3.66 18.67
N GLN B 20 11.57 3.00 19.82
CA GLN B 20 10.38 2.77 20.61
C GLN B 20 9.80 4.08 21.13
N GLU B 21 10.63 5.01 21.59
CA GLU B 21 10.08 6.30 22.05
C GLU B 21 9.32 6.98 20.94
N GLU B 22 9.87 6.95 19.72
CA GLU B 22 9.32 7.74 18.62
C GLU B 22 8.12 7.10 17.95
N HIS B 23 7.92 5.78 18.11
CA HIS B 23 6.86 5.12 17.37
C HIS B 23 5.82 4.43 18.23
N LEU B 24 6.07 4.23 19.51
CA LEU B 24 5.03 3.65 20.37
C LEU B 24 3.84 4.62 20.52
N PRO B 25 2.62 4.09 20.68
CA PRO B 25 1.46 4.96 20.87
C PRO B 25 1.36 5.48 22.29
N ALA B 26 0.13 5.80 22.74
CA ALA B 26 -0.11 6.46 24.03
C ALA B 26 -0.69 5.54 25.10
N ASN B 28 -1.87 4.95 24.88
CA ASN B 28 -2.57 4.23 25.94
C ASN B 28 -2.39 2.71 25.93
N ASN B 29 -3.48 1.96 25.79
CA ASN B 29 -3.43 0.51 26.01
C ASN B 29 -2.69 -0.22 24.90
N SER B 30 -2.85 0.21 23.65
CA SER B 30 -2.07 -0.36 22.56
C SER B 30 -0.57 -0.28 22.82
N ARG B 31 -0.15 0.66 23.66
CA ARG B 31 1.27 0.77 23.99
C ARG B 31 1.78 -0.49 24.68
N LYS B 32 0.98 -1.08 25.58
CA LYS B 32 1.42 -2.29 26.27
C LYS B 32 1.61 -3.44 25.29
N THR B 33 0.68 -3.60 24.36
CA THR B 33 0.83 -4.68 23.39
C THR B 33 2.07 -4.45 22.52
N TYR B 34 2.20 -3.25 21.95
CA TYR B 34 3.35 -3.01 21.09
C TYR B 34 4.65 -3.28 21.83
N ILE B 35 4.74 -2.86 23.10
CA ILE B 35 5.99 -3.05 23.84
C ILE B 35 6.21 -4.51 24.17
N GLU B 36 5.16 -5.23 24.60
CA GLU B 36 5.31 -6.66 24.90
C GLU B 36 5.79 -7.42 23.67
N ASN B 37 5.22 -7.12 22.49
CA ASN B 37 5.65 -7.83 21.28
C ASN B 37 7.05 -7.42 20.84
N TRP B 38 7.32 -6.12 20.81
CA TRP B 38 8.62 -5.70 20.32
C TRP B 38 9.75 -6.16 21.24
N HIS B 39 9.45 -6.38 22.52
CA HIS B 39 10.49 -6.87 23.41
C HIS B 39 10.90 -8.29 23.04
N GLN B 40 9.96 -9.08 22.53
CA GLN B 40 10.24 -10.44 22.06
C GLN B 40 10.74 -10.47 20.61
N TRP B 41 11.05 -9.31 20.04
CA TRP B 41 11.48 -9.23 18.65
C TRP B 41 10.42 -9.81 17.70
N LYS B 42 9.16 -9.75 18.13
CA LYS B 42 8.02 -10.12 17.30
C LYS B 42 7.43 -8.84 16.71
N LEU B 43 7.65 -8.62 15.42
CA LEU B 43 7.11 -7.45 14.73
C LEU B 43 5.60 -7.58 14.48
N GLN B 44 4.85 -7.66 15.59
CA GLN B 44 3.41 -7.81 15.58
C GLN B 44 2.81 -6.78 16.54
N PRO B 45 1.60 -6.27 16.24
CA PRO B 45 0.83 -6.65 15.06
C PRO B 45 1.37 -6.03 13.77
N ASN B 46 0.70 -6.32 12.67
CA ASN B 46 1.14 -5.92 11.33
C ASN B 46 0.31 -4.71 10.92
N ASP B 47 0.80 -3.52 11.26
CA ASP B 47 0.10 -2.28 10.95
C ASP B 47 1.12 -1.17 10.76
N HIS B 48 0.61 0.05 10.57
CA HIS B 48 1.46 1.20 10.30
C HIS B 48 2.50 1.40 11.40
N VAL B 49 2.11 1.26 12.67
CA VAL B 49 3.02 1.54 13.76
C VAL B 49 4.22 0.61 13.73
N THR B 50 3.93 -0.69 13.59
CA THR B 50 5.01 -1.65 13.53
C THR B 50 5.88 -1.45 12.29
N GLN B 51 5.26 -1.07 11.17
CA GLN B 51 6.02 -0.85 9.94
C GLN B 51 6.99 0.32 10.11
N CYS B 52 6.53 1.43 10.68
CA CYS B 52 7.44 2.55 10.85
C CYS B 52 8.49 2.25 11.92
N TYR B 53 8.15 1.43 12.93
CA TYR B 53 9.16 1.01 13.90
C TYR B 53 10.22 0.17 13.23
N THR B 54 9.81 -0.71 12.34
CA THR B 54 10.78 -1.54 11.65
C THR B 54 11.67 -0.70 10.76
N LYS B 55 11.09 0.27 10.06
CA LYS B 55 11.92 1.18 9.25
C LYS B 55 12.87 1.98 10.13
N CYS B 56 12.39 2.42 11.28
CA CYS B 56 13.25 3.13 12.21
C CYS B 56 14.46 2.29 12.57
N VAL B 57 14.21 1.07 13.02
CA VAL B 57 15.33 0.20 13.41
C VAL B 57 16.22 -0.10 12.20
N LEU B 58 15.63 -0.42 11.05
CA LEU B 58 16.48 -0.80 9.92
C LEU B 58 17.44 0.32 9.60
N GLU B 59 16.95 1.55 9.68
CA GLU B 59 17.80 2.68 9.35
C GLU B 59 18.77 3.00 10.48
N GLY B 60 18.31 2.93 11.73
CA GLY B 60 19.22 3.15 12.83
C GLY B 60 20.33 2.12 12.85
N LEU B 61 19.99 0.84 12.68
CA LEU B 61 21.04 -0.18 12.55
C LEU B 61 21.83 -0.02 11.26
N GLU B 62 21.36 0.82 10.34
CA GLU B 62 22.05 1.11 9.09
C GLU B 62 22.11 -0.09 8.14
N LEU B 63 21.28 -1.12 8.35
CA LEU B 63 21.13 -2.17 7.33
C LEU B 63 20.61 -1.60 6.03
N TYR B 64 19.85 -0.52 6.12
CA TYR B 64 19.27 0.14 4.95
C TYR B 64 19.70 1.60 4.98
N ASP B 65 20.45 2.02 3.95
CA ASP B 65 20.86 3.43 3.81
C ASP B 65 19.74 4.21 3.13
N GLY B 66 19.08 5.11 3.88
CA GLY B 66 17.94 5.83 3.34
C GLY B 66 18.30 6.83 2.25
N LYS B 67 19.49 7.42 2.32
CA LYS B 67 19.93 8.29 1.25
C LYS B 67 20.06 7.55 -0.08
N GLN B 68 20.86 6.47 -0.10
CA GLN B 68 20.97 5.64 -1.31
C GLN B 68 19.72 4.80 -1.58
N LYS B 69 18.76 4.77 -0.65
CA LYS B 69 17.53 3.99 -0.79
C LYS B 69 17.84 2.56 -1.22
N LYS B 70 18.54 1.84 -0.33
CA LYS B 70 18.94 0.47 -0.59
C LYS B 70 19.65 -0.16 0.61
N PHE B 71 19.32 -1.41 0.92
CA PHE B 71 20.07 -2.13 1.93
C PHE B 71 21.54 -2.24 1.55
N ARG B 72 22.38 -2.45 2.55
CA ARG B 72 23.83 -2.52 2.34
C ARG B 72 24.28 -3.86 2.88
N PRO B 73 24.24 -4.92 2.06
CA PRO B 73 24.46 -6.27 2.59
C PRO B 73 25.85 -6.50 3.14
N GLY B 74 26.85 -5.71 2.73
CA GLY B 74 28.18 -5.88 3.29
C GLY B 74 28.30 -5.47 4.74
N ARG B 75 27.36 -4.66 5.25
CA ARG B 75 27.42 -4.27 6.64
C ARG B 75 27.02 -5.43 7.56
N VAL B 76 26.25 -6.40 7.08
CA VAL B 76 26.00 -7.61 7.84
C VAL B 76 27.31 -8.30 8.19
N SER B 77 28.12 -8.56 7.16
CA SER B 77 29.45 -9.14 7.38
C SER B 77 30.31 -8.24 8.24
N SER B 78 30.26 -6.93 8.02
CA SER B 78 31.06 -6.04 8.83
C SER B 78 30.67 -6.15 10.32
N GLN B 79 29.36 -6.15 10.60
CA GLN B 79 28.86 -6.25 11.97
C GLN B 79 29.27 -7.57 12.59
N HIS B 80 29.18 -8.63 11.81
CA HIS B 80 29.53 -9.94 12.33
C HIS B 80 31.02 -10.01 12.66
N VAL B 81 31.87 -9.61 11.71
CA VAL B 81 33.31 -9.77 11.91
C VAL B 81 33.77 -8.91 13.07
N ALA B 82 33.10 -7.78 13.31
CA ALA B 82 33.50 -6.94 14.44
C ALA B 82 33.43 -7.70 15.76
N TYR B 83 32.51 -8.64 15.91
CA TYR B 83 32.36 -9.34 17.19
C TYR B 83 32.15 -10.83 16.98
N GLN B 84 32.88 -11.43 16.03
CA GLN B 84 32.55 -12.79 15.62
C GLN B 84 32.88 -13.84 16.70
N PHE B 85 33.94 -13.64 17.48
CA PHE B 85 34.27 -14.59 18.55
C PHE B 85 33.28 -14.49 19.71
N LEU B 86 33.06 -13.29 20.23
CA LEU B 86 32.02 -13.09 21.24
C LEU B 86 30.64 -13.38 20.71
N ASN B 87 30.53 -13.53 19.37
CA ASN B 87 29.26 -13.51 18.67
C ASN B 87 28.36 -14.68 19.05
N GLY B 88 28.89 -15.90 18.98
CA GLY B 88 28.11 -17.12 18.88
C GLY B 88 27.50 -17.38 17.51
N ALA B 89 27.65 -16.45 16.58
CA ALA B 89 27.04 -16.63 15.27
C ALA B 89 27.96 -17.45 14.38
N THR B 90 27.36 -18.36 13.61
CA THR B 90 28.18 -19.17 12.72
C THR B 90 28.37 -18.42 11.41
N ALA B 91 29.33 -18.88 10.62
CA ALA B 91 29.54 -18.33 9.29
C ALA B 91 28.36 -18.63 8.35
N ASP B 92 27.74 -19.80 8.51
CA ASP B 92 26.62 -20.18 7.65
C ASP B 92 25.41 -19.28 7.89
N GLU B 93 25.01 -19.12 9.16
CA GLU B 93 23.90 -18.23 9.47
C GLU B 93 24.11 -16.87 8.83
N VAL B 94 25.30 -16.30 9.02
CA VAL B 94 25.58 -14.94 8.55
C VAL B 94 25.56 -14.89 7.03
N ALA B 95 26.07 -15.94 6.38
CA ALA B 95 26.11 -15.98 4.92
C ALA B 95 24.69 -16.04 4.36
N LYS B 96 23.83 -16.85 4.96
CA LYS B 96 22.46 -16.94 4.45
C LYS B 96 21.69 -15.66 4.74
N TYR B 97 21.92 -15.05 5.91
CA TYR B 97 21.26 -13.79 6.22
C TYR B 97 21.69 -12.69 5.26
N LYS B 98 22.99 -12.65 4.94
CA LYS B 98 23.48 -11.69 3.97
C LYS B 98 22.87 -11.93 2.59
N GLY B 99 22.81 -13.19 2.16
CA GLY B 99 22.22 -13.47 0.85
C GLY B 99 20.76 -13.08 0.78
N ALA B 100 20.00 -13.42 1.83
CA ALA B 100 18.63 -12.99 1.93
C ALA B 100 18.52 -11.47 1.81
N ILE B 101 19.36 -10.73 2.54
CA ILE B 101 19.19 -9.27 2.52
C ILE B 101 19.59 -8.71 1.16
N ASP B 102 20.61 -9.30 0.55
CA ASP B 102 21.04 -8.86 -0.76
C ASP B 102 20.04 -9.18 -1.86
N ALA B 103 19.19 -10.18 -1.68
CA ALA B 103 18.12 -10.38 -2.66
C ALA B 103 16.98 -9.35 -2.55
N LEU B 104 17.01 -8.45 -1.56
CA LEU B 104 15.90 -7.52 -1.35
C LEU B 104 16.08 -6.23 -2.13
N GLU B 105 15.03 -5.83 -2.86
CA GLU B 105 14.96 -4.49 -3.45
C GLU B 105 13.54 -3.98 -3.22
N PRO B 106 13.29 -3.30 -2.10
CA PRO B 106 11.93 -2.87 -1.75
C PRO B 106 11.34 -1.90 -2.77
N ALA B 107 10.01 -1.90 -2.81
CA ALA B 107 9.34 -1.15 -3.86
C ALA B 107 9.57 0.34 -3.70
N SER B 108 9.83 0.78 -2.46
CA SER B 108 10.13 2.18 -2.19
C SER B 108 10.84 2.26 -0.83
N ASP B 109 10.72 3.40 -0.17
CA ASP B 109 11.30 3.55 1.17
C ASP B 109 10.25 3.82 2.23
N SER B 110 8.97 3.69 1.91
CA SER B 110 7.93 3.93 2.89
C SER B 110 8.03 2.89 4.01
N CYS B 111 7.31 3.15 5.10
CA CYS B 111 7.22 2.18 6.17
C CYS B 111 6.70 0.84 5.67
N GLU B 112 5.61 0.88 4.90
CA GLU B 112 4.98 -0.37 4.50
C GLU B 112 5.87 -1.14 3.54
N ASP B 113 6.45 -0.47 2.54
CA ASP B 113 7.31 -1.16 1.60
C ASP B 113 8.49 -1.83 2.30
N LEU B 114 9.19 -1.10 3.18
CA LEU B 114 10.34 -1.68 3.89
C LEU B 114 9.93 -2.84 4.79
N TYR B 115 8.76 -2.73 5.42
CA TYR B 115 8.30 -3.82 6.27
C TYR B 115 7.96 -5.05 5.43
N MET B 116 7.15 -4.88 4.39
CA MET B 116 6.85 -6.02 3.55
C MET B 116 8.11 -6.57 2.92
N ALA B 117 9.13 -5.75 2.74
CA ALA B 117 10.32 -6.25 2.08
C ALA B 117 11.13 -7.12 3.03
N TYR B 118 11.37 -6.61 4.24
CA TYR B 118 12.28 -7.20 5.22
C TYR B 118 11.62 -8.20 6.16
N PHE B 119 10.29 -8.21 6.27
CA PHE B 119 9.65 -9.12 7.25
C PHE B 119 10.07 -10.57 7.12
N PRO B 120 9.79 -11.29 6.01
CA PRO B 120 10.16 -12.72 5.94
C PRO B 120 11.61 -12.98 6.30
N VAL B 121 12.50 -12.07 5.88
CA VAL B 121 13.91 -12.17 6.26
C VAL B 121 14.03 -12.11 7.76
N HIS B 122 13.21 -11.26 8.40
CA HIS B 122 13.24 -11.10 9.85
C HIS B 122 12.74 -12.36 10.56
N GLU B 123 11.57 -12.85 10.13
CA GLU B 123 11.01 -14.07 10.69
C GLU B 123 12.00 -15.20 10.59
N THR B 124 12.82 -15.20 9.54
CA THR B 124 13.71 -16.33 9.38
C THR B 124 15.04 -16.18 10.12
N PHE B 125 15.60 -14.97 10.13
CA PHE B 125 16.93 -14.78 10.66
C PHE B 125 16.94 -13.93 11.93
N VAL B 126 15.82 -13.87 12.66
CA VAL B 126 15.76 -13.01 13.83
C VAL B 126 16.87 -13.34 14.81
N ASN B 127 17.11 -14.62 15.05
CA ASN B 127 18.13 -14.95 16.04
C ASN B 127 19.52 -14.55 15.58
N VAL B 128 19.79 -14.66 14.28
CA VAL B 128 21.05 -14.18 13.75
C VAL B 128 21.16 -12.65 13.93
N THR B 129 20.12 -11.93 13.57
CA THR B 129 20.10 -10.49 13.80
C THR B 129 20.39 -10.16 15.27
N ARG B 130 19.73 -10.83 16.19
CA ARG B 130 19.95 -10.55 17.60
C ARG B 130 21.38 -10.87 18.00
N LYS B 131 21.96 -11.91 17.41
CA LYS B 131 23.36 -12.17 17.70
C LYS B 131 24.27 -11.05 17.20
N LEU B 132 24.07 -10.62 15.96
CA LEU B 132 25.01 -9.68 15.34
C LEU B 132 24.90 -8.29 15.95
N TYR B 133 23.68 -7.82 16.16
CA TYR B 133 23.46 -6.45 16.56
C TYR B 133 23.18 -6.33 18.05
N HIS B 134 23.78 -7.21 18.84
CA HIS B 134 23.64 -7.18 20.29
C HIS B 134 22.16 -7.18 20.69
N GLY B 135 21.38 -8.08 20.09
CA GLY B 135 19.96 -8.11 20.37
C GLY B 135 19.48 -8.95 21.54
N THR B 136 20.38 -9.45 22.40
CA THR B 136 19.97 -10.18 23.59
C THR B 136 20.75 -9.66 24.80
N VAL B 137 20.18 -9.86 25.98
CA VAL B 137 20.87 -9.46 27.20
C VAL B 137 22.24 -10.16 27.30
N GLU B 138 22.28 -11.46 27.03
CA GLU B 138 23.52 -12.21 27.21
C GLU B 138 24.61 -11.74 26.27
N GLY B 139 24.31 -11.64 24.97
CA GLY B 139 25.33 -11.28 24.00
C GLY B 139 25.85 -9.87 24.23
N ALA B 140 24.93 -8.94 24.44
CA ALA B 140 25.31 -7.58 24.77
C ALA B 140 26.20 -7.54 26.01
N ALA B 141 25.86 -8.31 27.04
CA ALA B 141 26.66 -8.30 28.26
C ALA B 141 28.05 -8.85 28.00
N ARG B 142 28.15 -9.88 27.16
CA ARG B 142 29.45 -10.44 26.81
C ARG B 142 30.31 -9.36 26.18
N VAL B 143 29.70 -8.59 25.28
CA VAL B 143 30.47 -7.56 24.60
C VAL B 143 30.87 -6.47 25.59
N TYR B 144 29.94 -6.05 26.45
CA TYR B 144 30.30 -5.05 27.44
C TYR B 144 31.46 -5.54 28.28
N ASN B 145 31.40 -6.82 28.68
CA ASN B 145 32.43 -7.37 29.54
C ASN B 145 33.75 -7.49 28.82
N SER B 146 33.74 -7.53 27.49
CA SER B 146 35.00 -7.61 26.74
C SER B 146 35.64 -6.24 26.54
N ASP B 147 34.87 -5.16 26.60
CA ASP B 147 35.38 -3.85 26.21
C ASP B 147 35.06 -2.79 27.25
N PRO B 148 36.05 -2.31 28.00
CA PRO B 148 35.75 -1.40 29.12
C PRO B 148 35.60 0.06 28.72
N ASN B 149 35.88 0.39 27.46
CA ASN B 149 35.62 1.74 26.98
C ASN B 149 34.18 1.97 26.58
N LEU B 150 33.27 1.01 26.79
CA LEU B 150 31.87 1.18 26.41
C LEU B 150 31.09 1.71 27.60
N LYS B 151 30.23 2.69 27.34
CA LYS B 151 29.26 3.13 28.33
C LYS B 151 28.29 1.99 28.64
N ARG B 152 28.02 1.80 29.91
CA ARG B 152 27.27 0.63 30.37
C ARG B 152 25.80 0.99 30.54
N LYS B 153 24.98 -0.06 30.62
CA LYS B 153 23.52 0.05 30.62
C LYS B 153 23.02 1.16 31.55
N ASN B 154 23.43 1.12 32.81
CA ASN B 154 22.92 2.01 33.84
C ASN B 154 23.94 3.08 34.25
N GLU B 155 24.78 3.50 33.30
CA GLU B 155 25.89 4.42 33.56
C GLU B 155 25.59 5.77 32.92
N SER B 156 25.56 6.82 33.74
CA SER B 156 25.34 8.16 33.23
C SER B 156 26.38 8.49 32.18
N LEU B 157 25.92 8.99 31.04
CA LEU B 157 26.87 9.53 30.06
C LEU B 157 27.80 10.57 30.68
N PHE B 158 27.31 11.43 31.59
CA PHE B 158 28.14 12.51 32.12
C PHE B 158 29.23 11.96 33.04
N THR B 159 28.86 11.07 33.96
CA THR B 159 29.88 10.43 34.78
C THR B 159 30.83 9.59 33.94
N TYR B 160 30.34 9.03 32.84
CA TYR B 160 31.21 8.28 31.95
C TYR B 160 32.24 9.19 31.27
N CYS B 161 31.78 10.27 30.64
CA CYS B 161 32.71 11.19 30.02
C CYS B 161 33.64 11.84 31.06
N GLU B 162 33.14 12.12 32.27
CA GLU B 162 34.03 12.68 33.28
C GLU B 162 35.13 11.68 33.60
N LYS B 163 34.75 10.40 33.67
CA LYS B 163 35.72 9.37 34.01
C LYS B 163 36.78 9.24 32.94
N HIS B 164 36.41 9.49 31.69
CA HIS B 164 37.39 9.37 30.62
C HIS B 164 38.19 10.66 30.35
N VAL B 165 37.63 11.83 30.62
CA VAL B 165 38.27 13.09 30.27
C VAL B 165 39.04 13.69 31.45
N TYR B 166 38.54 13.54 32.67
CA TYR B 166 39.23 14.09 33.83
C TYR B 166 40.03 13.06 34.60
N GLY B 167 39.61 11.81 34.58
CA GLY B 167 40.26 10.81 35.40
C GLY B 167 40.20 11.19 36.87
N ASP B 168 41.38 11.33 37.46
CA ASP B 168 41.53 11.73 38.84
C ASP B 168 42.08 13.13 38.98
N GLN B 169 42.40 13.78 37.87
CA GLN B 169 43.09 15.06 37.93
C GLN B 169 42.11 16.21 37.70
N ASN B 170 42.49 17.39 38.18
CA ASN B 170 41.71 18.59 37.92
C ASN B 170 40.28 18.48 38.44
N ARG B 171 40.14 17.91 39.64
CA ARG B 171 38.81 17.78 40.23
C ARG B 171 38.15 19.14 40.43
N GLU B 172 38.93 20.18 40.81
CA GLU B 172 38.36 21.50 40.99
C GLU B 172 37.71 22.00 39.70
N ASP B 173 38.40 21.81 38.57
CA ASP B 173 37.83 22.27 37.30
C ASP B 173 36.58 21.48 36.95
N MET B 174 36.57 20.17 37.25
CA MET B 174 35.42 19.35 36.90
C MET B 174 34.21 19.74 37.73
N CYS B 175 34.40 19.98 39.03
CA CYS B 175 33.33 20.52 39.87
C CYS B 175 32.81 21.84 39.32
N ARG B 176 33.71 22.76 38.92
CA ARG B 176 33.25 24.02 38.31
C ARG B 176 32.40 23.75 37.05
N GLY B 177 32.84 22.83 36.19
CA GLY B 177 32.08 22.55 34.98
C GLY B 177 30.74 21.90 35.24
N ARG B 178 30.67 20.99 36.21
CA ARG B 178 29.40 20.39 36.57
C ARG B 178 28.42 21.42 37.14
N ARG B 179 28.92 22.48 37.77
CA ARG B 179 28.04 23.57 38.16
C ARG B 179 27.70 24.50 37.00
N TYR B 180 28.14 24.19 35.78
CA TYR B 180 27.81 24.96 34.58
C TYR B 180 28.63 26.23 34.46
N GLU B 181 29.91 26.15 34.82
CA GLU B 181 30.85 27.24 34.59
C GLU B 181 31.53 27.02 33.24
N LEU B 182 31.68 28.10 32.47
CA LEU B 182 32.43 28.04 31.23
C LEU B 182 33.90 28.37 31.50
N THR B 183 34.58 27.43 32.16
CA THR B 183 35.98 27.63 32.53
C THR B 183 36.91 27.70 31.35
N GLY B 184 36.49 27.21 30.18
CA GLY B 184 37.33 27.28 29.00
C GLY B 184 38.54 26.38 29.01
N SER B 185 38.67 25.50 29.99
CA SER B 185 39.82 24.62 30.05
C SER B 185 39.75 23.62 28.89
N ASP B 186 40.88 22.92 28.68
CA ASP B 186 40.93 21.84 27.68
C ASP B 186 40.12 20.62 28.12
N GLU B 187 40.26 20.19 29.39
CA GLU B 187 39.46 19.07 29.89
C GLU B 187 37.98 19.33 29.69
N LEU B 188 37.53 20.57 29.94
CA LEU B 188 36.12 20.88 29.82
C LEU B 188 35.67 20.87 28.35
N ARG B 189 36.52 21.33 27.45
CA ARG B 189 36.17 21.29 26.03
C ARG B 189 36.06 19.86 25.53
N ASN B 190 37.01 19.00 25.89
CA ASN B 190 36.91 17.59 25.53
C ASN B 190 35.72 16.90 26.20
N MET B 191 35.43 17.26 27.46
CA MET B 191 34.27 16.72 28.16
C MET B 191 32.97 17.06 27.44
N ILE B 192 32.83 18.31 26.97
CA ILE B 192 31.60 18.68 26.28
C ILE B 192 31.53 17.98 24.92
N GLU B 193 32.68 17.83 24.25
CA GLU B 193 32.69 17.05 23.01
C GLU B 193 32.24 15.61 23.24
N CYS B 194 32.77 14.95 24.29
CA CYS B 194 32.31 13.60 24.63
C CYS B 194 30.79 13.55 24.87
N VAL B 195 30.26 14.45 25.72
CA VAL B 195 28.81 14.48 26.00
C VAL B 195 27.99 14.72 24.71
N PHE B 196 28.30 15.78 23.97
CA PHE B 196 27.57 16.03 22.73
C PHE B 196 27.65 14.85 21.77
N ARG B 197 28.77 14.15 21.74
CA ARG B 197 28.83 12.96 20.88
C ARG B 197 27.89 11.89 21.40
N GLY B 198 28.00 11.55 22.69
CA GLY B 198 27.15 10.54 23.29
C GLY B 198 25.67 10.90 23.37
N LEU B 199 25.32 12.18 23.29
CA LEU B 199 23.91 12.53 23.28
C LEU B 199 23.36 12.63 21.85
N ARG B 200 24.20 12.39 20.86
CA ARG B 200 23.81 12.62 19.49
C ARG B 200 23.51 14.09 19.24
N TYR B 201 24.06 14.98 20.05
CA TYR B 201 23.94 16.40 19.74
C TYR B 201 24.79 16.78 18.55
N ILE B 202 25.90 16.05 18.35
CA ILE B 202 26.79 16.21 17.21
C ILE B 202 27.06 14.82 16.65
N LYS B 203 27.11 14.74 15.32
CA LYS B 203 27.43 13.49 14.63
C LYS B 203 27.93 13.84 13.25
N HIS B 204 28.92 13.08 12.78
CA HIS B 204 29.55 13.34 11.48
C HIS B 204 29.99 14.80 11.39
N GLY B 205 30.27 15.39 12.55
CA GLY B 205 30.80 16.74 12.64
C GLY B 205 29.76 17.84 12.70
N ASP B 206 28.49 17.51 12.58
CA ASP B 206 27.45 18.51 12.44
C ASP B 206 26.54 18.51 13.65
N ILE B 207 26.15 19.70 14.10
CA ILE B 207 25.23 19.81 15.23
C ILE B 207 23.84 19.30 14.85
N ASN B 208 23.25 18.50 15.73
CA ASN B 208 21.91 17.99 15.53
C ASN B 208 20.94 18.85 16.34
N ILE B 209 20.41 19.89 15.70
CA ILE B 209 19.55 20.83 16.41
C ILE B 209 18.28 20.12 16.89
N ASP B 210 17.71 19.26 16.04
CA ASP B 210 16.50 18.56 16.43
C ASP B 210 16.69 17.79 17.74
N GLU B 211 17.90 17.31 17.99
CA GLU B 211 18.12 16.49 19.18
C GLU B 211 18.08 17.35 20.44
N ILE B 212 18.65 18.56 20.34
CA ILE B 212 18.59 19.49 21.46
C ILE B 212 17.15 19.97 21.66
N VAL B 213 16.45 20.23 20.55
CA VAL B 213 15.04 20.61 20.64
C VAL B 213 14.24 19.52 21.32
N ARG B 214 14.61 18.25 21.06
CA ARG B 214 13.92 17.14 21.70
C ARG B 214 14.13 17.19 23.20
N ASP B 215 15.37 17.40 23.62
CA ASP B 215 15.63 17.47 25.06
C ASP B 215 14.88 18.64 25.69
N PHE B 216 14.58 19.68 24.91
CA PHE B 216 13.77 20.77 25.44
C PHE B 216 12.29 20.39 25.49
N ASP B 217 11.82 19.65 24.49
CA ASP B 217 10.45 19.15 24.50
C ASP B 217 10.21 18.27 25.71
N HIS B 218 11.21 17.49 26.10
CA HIS B 218 11.06 16.56 27.22
C HIS B 218 10.82 17.25 28.56
N ILE B 219 11.04 18.55 28.64
CA ILE B 219 10.74 19.31 29.85
C ILE B 219 9.49 20.17 29.69
N ASN B 220 8.64 19.85 28.70
CA ASN B 220 7.41 20.60 28.44
C ASN B 220 7.70 22.06 28.13
N ARG B 221 8.82 22.28 27.43
CA ARG B 221 9.24 23.60 26.95
C ARG B 221 9.39 23.60 25.43
N GLY B 222 8.43 23.00 24.73
CA GLY B 222 8.45 23.05 23.28
C GLY B 222 8.23 24.44 22.74
N ASP B 223 7.63 25.32 23.56
CA ASP B 223 7.52 26.73 23.22
C ASP B 223 8.89 27.37 22.97
N LEU B 224 9.93 26.89 23.64
CA LEU B 224 11.29 27.37 23.43
C LEU B 224 11.92 26.83 22.15
N GLU B 225 11.26 25.93 21.42
CA GLU B 225 11.90 25.37 20.23
C GLU B 225 12.31 26.45 19.25
N PRO B 226 11.43 27.38 18.82
CA PRO B 226 11.85 28.42 17.87
C PRO B 226 13.01 29.26 18.38
N ARG B 227 13.19 29.37 19.68
CA ARG B 227 14.31 30.14 20.21
C ARG B 227 15.60 29.34 20.13
N VAL B 228 15.59 28.13 20.69
CA VAL B 228 16.74 27.24 20.65
C VAL B 228 17.36 27.26 19.25
N ARG B 229 16.58 26.91 18.24
CA ARG B 229 17.05 26.93 16.86
C ARG B 229 17.81 28.22 16.54
N THR B 230 17.13 29.36 16.65
CA THR B 230 17.79 30.62 16.35
C THR B 230 19.14 30.68 17.05
N ILE B 231 19.18 30.40 18.35
CA ILE B 231 20.45 30.46 19.07
C ILE B 231 21.49 29.60 18.37
N LEU B 232 21.18 28.32 18.24
CA LEU B 232 22.16 27.41 17.66
C LEU B 232 22.46 27.80 16.23
N SER B 233 21.48 28.40 15.53
CA SER B 233 21.71 28.76 14.14
C SER B 233 22.64 29.95 14.05
N ASP B 234 22.59 30.86 15.02
CA ASP B 234 23.46 32.03 15.00
C ASP B 234 24.79 31.79 15.69
N CYS B 235 24.94 30.67 16.37
CA CYS B 235 26.15 30.35 17.10
C CYS B 235 27.34 30.25 16.15
N ARG B 236 28.25 31.22 16.21
CA ARG B 236 29.48 31.18 15.44
C ARG B 236 30.44 30.14 16.01
N GLY B 237 31.19 29.47 15.14
CA GLY B 237 32.02 28.37 15.56
C GLY B 237 31.30 27.04 15.43
N ILE B 238 32.09 25.97 15.36
CA ILE B 238 31.55 24.63 15.11
C ILE B 238 32.10 23.63 16.13
N GLN B 239 32.52 24.11 17.25
CA GLN B 239 32.91 23.14 18.26
C GLN B 239 31.75 22.90 19.23
N PRO B 240 31.68 21.71 19.86
CA PRO B 240 30.64 21.49 20.87
C PRO B 240 30.65 22.56 21.94
N TYR B 241 31.82 22.90 22.46
CA TYR B 241 31.88 23.90 23.51
C TYR B 241 31.33 25.24 23.05
N ASP B 242 31.48 25.56 21.76
CA ASP B 242 30.91 26.80 21.21
C ASP B 242 29.39 26.82 21.35
N TYR B 243 28.70 25.78 20.88
CA TYR B 243 27.24 25.71 21.03
C TYR B 243 26.84 25.65 22.48
N TYR B 244 27.65 24.98 23.30
CA TYR B 244 27.38 24.92 24.73
C TYR B 244 27.36 26.32 25.33
N SER B 245 28.45 27.06 25.13
CA SER B 245 28.51 28.44 25.58
C SER B 245 27.36 29.27 25.00
N CYS B 246 27.04 29.05 23.72
CA CYS B 246 25.93 29.77 23.11
C CYS B 246 24.64 29.54 23.88
N LEU B 247 24.41 28.32 24.37
CA LEU B 247 23.19 28.05 25.12
C LEU B 247 23.27 28.56 26.56
N ILE B 248 24.45 28.47 27.20
CA ILE B 248 24.61 28.97 28.56
C ILE B 248 24.54 30.50 28.61
N ASN B 249 25.16 31.15 27.63
CA ASN B 249 25.10 32.60 27.57
C ASN B 249 23.93 33.03 26.68
N SER B 250 22.72 32.85 27.23
CA SER B 250 21.50 33.28 26.57
C SER B 250 20.40 33.41 27.62
N ASP B 251 19.22 33.85 27.17
CA ASP B 251 18.08 33.93 28.06
C ASP B 251 17.35 32.60 28.28
N ILE B 252 17.88 31.50 27.74
CA ILE B 252 17.30 30.19 28.04
C ILE B 252 18.37 29.37 28.75
N ARG B 253 19.24 30.05 29.48
CA ARG B 253 20.32 29.38 30.20
C ARG B 253 19.75 28.40 31.21
N GLU B 254 18.80 28.87 32.03
CA GLU B 254 18.22 28.04 33.08
C GLU B 254 17.39 26.91 32.49
N GLU B 255 16.61 27.21 31.45
CA GLU B 255 15.84 26.15 30.81
C GLU B 255 16.77 25.16 30.13
N PHE B 256 17.89 25.66 29.58
CA PHE B 256 18.86 24.74 29.03
C PHE B 256 19.42 23.83 30.12
N LYS B 257 19.73 24.38 31.28
CA LYS B 257 20.21 23.53 32.36
C LYS B 257 19.18 22.48 32.70
N LEU B 258 17.92 22.88 32.80
CA LEU B 258 16.85 21.93 33.12
C LEU B 258 16.82 20.77 32.13
N ALA B 259 16.86 21.11 30.84
CA ALA B 259 16.89 20.12 29.77
C ALA B 259 18.13 19.23 29.86
N PHE B 260 19.30 19.83 30.11
CA PHE B 260 20.56 19.08 30.14
C PHE B 260 20.59 18.09 31.29
N ASP B 261 20.13 18.51 32.48
CA ASP B 261 20.10 17.63 33.63
C ASP B 261 19.11 16.49 33.42
N TYR B 262 17.91 16.81 32.88
CA TYR B 262 16.98 15.74 32.59
C TYR B 262 17.59 14.74 31.60
N ARG B 263 18.29 15.24 30.57
CA ARG B 263 18.89 14.35 29.60
C ARG B 263 19.98 13.48 30.24
N ASP B 264 20.79 14.09 31.10
CA ASP B 264 21.74 13.34 31.93
C ASP B 264 21.05 12.16 32.60
N VAL B 265 19.92 12.43 33.28
CA VAL B 265 19.22 11.36 33.99
C VAL B 265 18.76 10.28 33.01
N ARG B 266 18.16 10.69 31.89
CA ARG B 266 17.70 9.71 30.90
C ARG B 266 18.85 9.00 30.21
N SER B 267 20.08 9.50 30.32
CA SER B 267 21.18 8.83 29.64
C SER B 267 21.75 7.68 30.44
N ALA B 268 21.38 7.55 31.71
CA ALA B 268 21.77 6.42 32.55
C ALA B 268 20.82 5.22 32.40
N ASP B 269 19.92 5.25 31.42
CA ASP B 269 18.99 4.14 31.16
C ASP B 269 18.26 4.46 29.87
N TYR B 270 18.78 3.96 28.76
CA TYR B 270 18.19 4.34 27.49
C TYR B 270 16.72 4.00 27.39
N ALA B 271 16.21 3.08 28.21
CA ALA B 271 14.78 2.78 28.14
C ALA B 271 13.98 3.56 29.15
N TYR B 272 14.49 4.71 29.58
CA TYR B 272 13.83 5.49 30.62
C TYR B 272 12.40 5.84 30.22
N ILE B 273 12.22 6.42 29.03
CA ILE B 273 10.89 6.79 28.57
C ILE B 273 10.07 5.55 28.20
N VAL B 274 10.72 4.56 27.57
CA VAL B 274 9.99 3.39 27.10
C VAL B 274 9.37 2.66 28.28
N LYS B 275 10.09 2.61 29.40
CA LYS B 275 9.58 1.94 30.58
C LYS B 275 8.41 2.66 31.22
N GLY B 276 8.10 3.91 30.83
CA GLY B 276 6.98 4.64 31.39
C GLY B 276 7.31 5.75 32.36
N ASN B 277 8.58 6.03 32.65
CA ASN B 277 8.87 7.10 33.59
C ASN B 277 8.56 8.48 32.99
N THR B 278 8.26 9.44 33.85
CA THR B 278 7.87 10.77 33.39
C THR B 278 8.75 11.82 34.04
N TYR B 279 8.55 13.06 33.62
CA TYR B 279 9.46 14.12 34.02
C TYR B 279 9.08 14.68 35.40
N ASP B 280 10.11 14.89 36.22
CA ASP B 280 9.89 15.37 37.57
C ASP B 280 11.14 16.17 37.94
N ALA B 281 11.05 17.50 37.80
CA ALA B 281 12.20 18.37 37.99
C ALA B 281 12.81 18.23 39.39
N GLN B 282 11.97 17.98 40.40
CA GLN B 282 12.47 17.90 41.78
C GLN B 282 13.41 16.71 41.94
N LYS B 283 12.96 15.53 41.50
CA LYS B 283 13.83 14.37 41.60
C LYS B 283 15.08 14.53 40.75
N VAL B 284 14.93 15.10 39.54
CA VAL B 284 16.10 15.34 38.68
C VAL B 284 17.13 16.20 39.39
N ILE B 285 16.68 17.31 39.98
CA ILE B 285 17.63 18.22 40.60
C ILE B 285 18.22 17.60 41.86
N ALA B 286 17.44 16.82 42.60
CA ALA B 286 17.96 16.13 43.78
C ALA B 286 19.06 15.13 43.40
N GLU B 287 18.84 14.36 42.32
CA GLU B 287 19.89 13.48 41.81
C GLU B 287 21.15 14.26 41.44
N MET B 288 20.98 15.27 40.57
CA MET B 288 22.12 16.10 40.15
C MET B 288 22.85 16.65 41.36
N ASN B 289 22.11 17.03 42.41
CA ASN B 289 22.72 17.68 43.57
C ASN B 289 23.56 16.68 44.36
N LYS B 290 23.10 15.43 44.46
CA LYS B 290 23.92 14.40 45.09
C LYS B 290 25.25 14.23 44.34
N VAL B 291 25.17 14.09 43.01
CA VAL B 291 26.40 13.83 42.27
C VAL B 291 27.33 15.05 42.32
N GLU B 292 26.76 16.25 42.25
CA GLU B 292 27.58 17.44 42.38
C GLU B 292 28.22 17.52 43.76
N LYS B 293 27.48 17.19 44.81
CA LYS B 293 28.07 17.26 46.14
C LYS B 293 29.21 16.29 46.25
N HIS B 294 29.10 15.17 45.54
CA HIS B 294 30.20 14.21 45.57
C HIS B 294 31.41 14.73 44.79
N VAL B 295 31.18 15.21 43.58
CA VAL B 295 32.29 15.67 42.78
C VAL B 295 32.93 16.90 43.40
N CYS B 296 32.11 17.81 43.93
CA CYS B 296 32.64 19.04 44.51
C CYS B 296 33.09 18.86 45.95
N GLY B 297 33.16 17.62 46.43
CA GLY B 297 33.60 17.39 47.79
C GLY B 297 34.79 16.45 47.83
N ARG C 3 -5.47 -10.65 -18.46
CA ARG C 3 -4.16 -11.23 -18.79
C ARG C 3 -3.94 -12.60 -18.13
N TRP C 4 -3.03 -12.68 -17.16
CA TRP C 4 -2.74 -13.96 -16.51
C TRP C 4 -3.97 -14.57 -15.83
N THR C 5 -4.08 -15.89 -15.90
CA THR C 5 -5.23 -16.65 -15.44
C THR C 5 -4.83 -17.55 -14.30
N ALA C 6 -5.67 -17.57 -13.27
CA ALA C 6 -5.37 -18.29 -12.06
C ALA C 6 -5.34 -19.78 -12.36
N LEU C 7 -4.37 -20.46 -11.75
CA LEU C 7 -4.15 -21.89 -11.89
C LEU C 7 -5.13 -22.70 -11.06
N THR C 8 -5.60 -23.79 -11.63
CA THR C 8 -6.59 -24.64 -11.00
C THR C 8 -5.90 -25.66 -10.12
N PRO C 9 -6.63 -26.35 -9.24
CA PRO C 9 -6.01 -27.48 -8.52
C PRO C 9 -5.45 -28.56 -9.44
N GLU C 10 -6.13 -28.89 -10.53
CA GLU C 10 -5.51 -29.83 -11.47
C GLU C 10 -4.16 -29.30 -11.95
N GLU C 11 -4.05 -28.00 -12.22
CA GLU C 11 -2.78 -27.48 -12.75
C GLU C 11 -1.67 -27.49 -11.68
N THR C 12 -2.01 -27.13 -10.43
CA THR C 12 -0.97 -27.09 -9.42
C THR C 12 -0.58 -28.51 -9.01
N LEU C 13 -1.51 -29.44 -9.07
CA LEU C 13 -1.13 -30.84 -8.84
C LEU C 13 -0.19 -31.31 -9.91
N PHE C 14 -0.43 -30.90 -11.15
CA PHE C 14 0.45 -31.31 -12.23
C PHE C 14 1.86 -30.77 -12.00
N ILE C 15 1.96 -29.49 -11.65
CA ILE C 15 3.26 -28.87 -11.40
C ILE C 15 3.99 -29.60 -10.25
N TYR C 16 3.30 -29.81 -9.11
CA TYR C 16 3.94 -30.47 -7.98
C TYR C 16 4.45 -31.87 -8.35
N THR C 17 3.58 -32.72 -8.92
CA THR C 17 3.99 -34.07 -9.27
C THR C 17 5.11 -34.08 -10.32
N ARG C 18 5.09 -33.15 -11.27
CA ARG C 18 6.12 -33.19 -12.30
C ARG C 18 7.45 -32.76 -11.72
N CYS C 19 7.45 -31.68 -10.95
CA CYS C 19 8.69 -31.23 -10.35
C CYS C 19 9.29 -32.32 -9.46
N GLN C 20 8.46 -33.05 -8.72
CA GLN C 20 9.00 -34.13 -7.91
C GLN C 20 9.56 -35.27 -8.78
N GLU C 21 8.87 -35.64 -9.85
CA GLU C 21 9.44 -36.67 -10.73
C GLU C 21 10.77 -36.22 -11.30
N GLU C 22 10.87 -34.93 -11.64
CA GLU C 22 12.06 -34.42 -12.32
C GLU C 22 13.22 -34.22 -11.37
N HIS C 23 12.98 -34.04 -10.08
CA HIS C 23 14.09 -33.74 -9.19
C HIS C 23 14.29 -34.73 -8.06
N LEU C 24 13.41 -35.74 -7.90
CA LEU C 24 13.62 -36.75 -6.86
C LEU C 24 14.81 -37.63 -7.21
N PRO C 25 15.72 -37.90 -6.28
CA PRO C 25 16.81 -38.83 -6.55
C PRO C 25 16.26 -40.23 -6.82
N ALA C 26 17.07 -41.02 -7.53
CA ALA C 26 16.75 -42.41 -7.82
C ALA C 26 17.45 -43.37 -6.84
N ASN C 28 17.56 -44.00 -3.50
CA ASN C 28 16.37 -44.64 -2.94
C ASN C 28 16.27 -44.44 -1.41
N ASN C 29 17.38 -44.64 -0.68
CA ASN C 29 17.36 -44.36 0.74
C ASN C 29 17.52 -42.88 1.04
N SER C 30 17.84 -42.08 0.03
CA SER C 30 17.73 -40.64 0.12
C SER C 30 16.43 -40.12 -0.48
N ARG C 31 15.85 -40.86 -1.43
CA ARG C 31 14.57 -40.47 -2.00
C ARG C 31 13.50 -40.29 -0.92
N LYS C 32 13.46 -41.21 0.05
CA LYS C 32 12.50 -41.12 1.15
C LYS C 32 12.66 -39.82 1.95
N THR C 33 13.89 -39.37 2.16
CA THR C 33 14.11 -38.10 2.84
C THR C 33 13.46 -36.94 2.10
N TYR C 34 13.81 -36.76 0.82
CA TYR C 34 13.27 -35.63 0.06
C TYR C 34 11.75 -35.72 -0.04
N ILE C 35 11.21 -36.92 -0.25
CA ILE C 35 9.77 -37.02 -0.37
C ILE C 35 9.12 -36.58 0.92
N GLU C 36 9.61 -37.10 2.05
CA GLU C 36 9.03 -36.73 3.33
C GLU C 36 9.07 -35.22 3.53
N ASN C 37 10.22 -34.59 3.26
CA ASN C 37 10.36 -33.16 3.51
C ASN C 37 9.45 -32.33 2.61
N TRP C 38 9.41 -32.68 1.33
CA TRP C 38 8.64 -31.89 0.38
C TRP C 38 7.15 -32.09 0.58
N HIS C 39 6.74 -33.27 1.02
CA HIS C 39 5.32 -33.52 1.18
C HIS C 39 4.72 -32.63 2.25
N GLN C 40 5.51 -32.30 3.26
CA GLN C 40 5.09 -31.35 4.28
C GLN C 40 5.52 -29.92 3.92
N TRP C 41 5.97 -29.70 2.69
CA TRP C 41 6.34 -28.37 2.22
C TRP C 41 7.56 -27.81 2.96
N LYS C 42 8.33 -28.68 3.60
CA LYS C 42 9.58 -28.28 4.22
C LYS C 42 10.68 -28.39 3.17
N LEU C 43 11.22 -27.25 2.76
CA LEU C 43 12.27 -27.18 1.76
C LEU C 43 13.63 -27.50 2.39
N GLN C 44 13.79 -28.76 2.79
CA GLN C 44 15.00 -29.32 3.41
C GLN C 44 15.22 -30.70 2.85
N PRO C 45 16.49 -31.18 2.78
CA PRO C 45 17.69 -30.45 3.19
C PRO C 45 18.17 -29.44 2.18
N ASN C 46 18.75 -28.34 2.65
CA ASN C 46 19.27 -27.30 1.76
C ASN C 46 20.43 -27.83 0.94
N ASP C 47 20.15 -28.31 -0.27
CA ASP C 47 21.17 -28.78 -1.18
C ASP C 47 20.69 -28.54 -2.59
N HIS C 48 21.55 -28.88 -3.56
CA HIS C 48 21.24 -28.66 -4.97
C HIS C 48 19.87 -29.26 -5.35
N VAL C 49 19.56 -30.45 -4.82
CA VAL C 49 18.29 -31.12 -5.17
C VAL C 49 17.10 -30.27 -4.73
N THR C 50 17.02 -30.01 -3.44
CA THR C 50 15.94 -29.15 -2.93
C THR C 50 15.93 -27.80 -3.64
N GLN C 51 17.12 -27.22 -3.91
CA GLN C 51 17.15 -25.89 -4.52
C GLN C 51 16.57 -25.91 -5.93
N CYS C 52 16.91 -26.92 -6.72
CA CYS C 52 16.39 -26.98 -8.08
C CYS C 52 14.92 -27.40 -8.09
N TYR C 53 14.49 -28.16 -7.09
CA TYR C 53 13.07 -28.43 -6.95
C TYR C 53 12.32 -27.17 -6.62
N THR C 54 12.89 -26.33 -5.75
CA THR C 54 12.23 -25.07 -5.43
C THR C 54 12.08 -24.22 -6.68
N LYS C 55 13.16 -24.08 -7.46
CA LYS C 55 13.08 -23.35 -8.72
C LYS C 55 12.00 -23.92 -9.63
N CYS C 56 11.97 -25.26 -9.76
CA CYS C 56 10.98 -25.90 -10.60
C CYS C 56 9.57 -25.55 -10.17
N VAL C 57 9.30 -25.60 -8.88
CA VAL C 57 7.95 -25.33 -8.45
C VAL C 57 7.61 -23.85 -8.63
N LEU C 58 8.55 -22.96 -8.32
CA LEU C 58 8.26 -21.54 -8.47
C LEU C 58 7.97 -21.18 -9.93
N GLU C 59 8.65 -21.84 -10.87
CA GLU C 59 8.35 -21.59 -12.27
C GLU C 59 7.07 -22.28 -12.73
N GLY C 60 6.79 -23.49 -12.25
CA GLY C 60 5.54 -24.13 -12.60
C GLY C 60 4.31 -23.38 -12.07
N LEU C 61 4.36 -22.90 -10.82
CA LEU C 61 3.29 -22.06 -10.30
C LEU C 61 3.32 -20.68 -10.94
N GLU C 62 4.34 -20.43 -11.73
CA GLU C 62 4.45 -19.20 -12.50
C GLU C 62 4.61 -17.99 -11.60
N LEU C 63 4.95 -18.21 -10.32
CA LEU C 63 5.34 -17.11 -9.43
C LEU C 63 6.65 -16.48 -9.89
N TYR C 64 7.56 -17.27 -10.45
CA TYR C 64 8.78 -16.76 -11.03
C TYR C 64 8.71 -16.93 -12.55
N ASP C 65 9.09 -15.89 -13.28
CA ASP C 65 9.00 -15.87 -14.74
C ASP C 65 10.37 -16.27 -15.31
N GLY C 66 10.44 -17.47 -15.90
CA GLY C 66 11.69 -17.93 -16.48
C GLY C 66 12.14 -17.06 -17.65
N LYS C 67 11.21 -16.69 -18.52
CA LYS C 67 11.55 -15.84 -19.66
C LYS C 67 11.96 -14.45 -19.20
N GLN C 68 11.04 -13.73 -18.55
CA GLN C 68 11.39 -12.42 -18.03
C GLN C 68 12.44 -12.48 -16.93
N LYS C 69 12.71 -13.65 -16.37
CA LYS C 69 13.71 -13.81 -15.30
C LYS C 69 13.41 -12.89 -14.12
N LYS C 70 12.22 -13.05 -13.55
CA LYS C 70 11.81 -12.23 -12.42
C LYS C 70 10.51 -12.79 -11.86
N PHE C 71 10.23 -12.43 -10.60
CA PHE C 71 8.97 -12.72 -9.96
C PHE C 71 7.84 -11.84 -10.50
N ARG C 72 6.60 -12.32 -10.33
CA ARG C 72 5.38 -11.66 -10.78
C ARG C 72 4.40 -11.48 -9.62
N PRO C 73 4.58 -10.43 -8.82
CA PRO C 73 3.73 -10.29 -7.62
C PRO C 73 2.25 -10.09 -7.91
N GLY C 74 1.86 -9.54 -9.07
CA GLY C 74 0.43 -9.42 -9.38
C GLY C 74 -0.29 -10.74 -9.55
N ARG C 75 0.41 -11.77 -10.02
CA ARG C 75 -0.21 -13.08 -10.15
C ARG C 75 -0.65 -13.64 -8.81
N VAL C 76 -0.02 -13.23 -7.70
CA VAL C 76 -0.51 -13.63 -6.38
C VAL C 76 -1.94 -13.15 -6.20
N SER C 77 -2.18 -11.86 -6.47
CA SER C 77 -3.50 -11.30 -6.18
C SER C 77 -4.53 -11.80 -7.18
N SER C 78 -4.07 -12.25 -8.36
CA SER C 78 -4.98 -12.89 -9.31
C SER C 78 -5.35 -14.31 -8.86
N GLN C 79 -4.33 -15.11 -8.57
CA GLN C 79 -4.57 -16.42 -7.98
C GLN C 79 -5.52 -16.33 -6.80
N HIS C 80 -5.39 -15.28 -5.98
CA HIS C 80 -6.23 -15.18 -4.80
C HIS C 80 -7.68 -14.86 -5.15
N VAL C 81 -7.90 -13.78 -5.93
CA VAL C 81 -9.27 -13.41 -6.29
C VAL C 81 -10.00 -14.54 -7.00
N ALA C 82 -9.30 -15.34 -7.81
CA ALA C 82 -10.02 -16.40 -8.53
C ALA C 82 -10.69 -17.41 -7.60
N TYR C 83 -10.21 -17.59 -6.35
CA TYR C 83 -10.78 -18.62 -5.48
C TYR C 83 -11.05 -18.07 -4.10
N GLN C 84 -11.40 -16.78 -4.04
CA GLN C 84 -11.26 -16.06 -2.79
C GLN C 84 -12.20 -16.59 -1.73
N PHE C 85 -13.30 -17.20 -2.14
CA PHE C 85 -14.28 -17.71 -1.20
C PHE C 85 -13.93 -19.10 -0.69
N LEU C 86 -13.03 -19.78 -1.35
CA LEU C 86 -12.69 -21.15 -0.95
C LEU C 86 -11.27 -21.29 -0.41
N ASN C 87 -10.32 -20.47 -0.86
CA ASN C 87 -8.95 -20.73 -0.47
C ASN C 87 -8.72 -20.48 1.02
N GLY C 88 -9.68 -19.92 1.72
CA GLY C 88 -9.46 -19.64 3.13
C GLY C 88 -8.43 -18.57 3.46
N ALA C 89 -7.98 -17.78 2.49
CA ALA C 89 -6.90 -16.82 2.70
C ALA C 89 -7.48 -15.44 2.95
N THR C 90 -6.92 -14.71 3.90
CA THR C 90 -7.40 -13.38 4.25
C THR C 90 -6.62 -12.34 3.47
N ALA C 91 -7.20 -11.16 3.36
CA ALA C 91 -6.61 -10.09 2.56
C ALA C 91 -5.24 -9.70 3.10
N ASP C 92 -5.10 -9.66 4.43
CA ASP C 92 -3.82 -9.26 4.99
C ASP C 92 -2.73 -10.26 4.63
N GLU C 93 -3.03 -11.56 4.79
CA GLU C 93 -2.12 -12.62 4.32
C GLU C 93 -1.69 -12.39 2.88
N VAL C 94 -2.65 -12.15 2.00
CA VAL C 94 -2.29 -12.08 0.59
C VAL C 94 -1.41 -10.86 0.35
N ALA C 95 -1.75 -9.73 0.99
CA ALA C 95 -1.03 -8.47 0.78
C ALA C 95 0.40 -8.58 1.25
N LYS C 96 0.58 -9.17 2.43
CA LYS C 96 1.92 -9.38 2.97
C LYS C 96 2.72 -10.28 2.03
N TYR C 97 2.09 -11.37 1.55
CA TYR C 97 2.79 -12.32 0.69
C TYR C 97 3.23 -11.64 -0.60
N LYS C 98 2.30 -10.92 -1.23
CA LYS C 98 2.63 -10.17 -2.43
C LYS C 98 3.76 -9.18 -2.18
N GLY C 99 3.67 -8.38 -1.11
CA GLY C 99 4.72 -7.43 -0.84
C GLY C 99 6.08 -8.08 -0.70
N ALA C 100 6.16 -9.16 0.08
CA ALA C 100 7.44 -9.86 0.20
C ALA C 100 7.94 -10.32 -1.19
N ILE C 101 7.05 -10.80 -2.04
CA ILE C 101 7.49 -11.28 -3.35
C ILE C 101 7.96 -10.12 -4.22
N ASP C 102 7.22 -9.03 -4.20
CA ASP C 102 7.59 -7.89 -5.01
C ASP C 102 8.94 -7.32 -4.60
N ALA C 103 9.33 -7.52 -3.34
CA ALA C 103 10.63 -7.02 -2.94
C ALA C 103 11.80 -7.87 -3.44
N LEU C 104 11.55 -8.99 -4.12
CA LEU C 104 12.60 -9.96 -4.44
C LEU C 104 13.32 -9.58 -5.73
N GLU C 105 14.65 -9.72 -5.71
CA GLU C 105 15.47 -9.48 -6.90
C GLU C 105 16.69 -10.38 -6.78
N PRO C 106 16.55 -11.66 -7.10
CA PRO C 106 17.67 -12.60 -6.92
C PRO C 106 18.90 -12.20 -7.73
N ALA C 107 20.07 -12.69 -7.29
CA ALA C 107 21.33 -12.40 -7.97
C ALA C 107 21.44 -13.06 -9.35
N SER C 108 20.64 -14.07 -9.65
CA SER C 108 20.68 -14.71 -10.96
C SER C 108 19.49 -15.65 -11.02
N ASP C 109 19.45 -16.50 -12.04
CA ASP C 109 18.34 -17.43 -12.24
C ASP C 109 18.75 -18.86 -11.94
N SER C 110 19.88 -19.06 -11.26
CA SER C 110 20.28 -20.41 -10.88
C SER C 110 19.36 -20.92 -9.76
N CYS C 111 19.41 -22.24 -9.54
CA CYS C 111 18.68 -22.83 -8.42
C CYS C 111 19.09 -22.21 -7.08
N GLU C 112 20.40 -22.11 -6.83
CA GLU C 112 20.87 -21.65 -5.53
C GLU C 112 20.51 -20.20 -5.24
N ASP C 113 20.61 -19.31 -6.24
CA ASP C 113 20.27 -17.91 -6.04
C ASP C 113 18.77 -17.71 -5.82
N LEU C 114 17.92 -18.35 -6.63
CA LEU C 114 16.49 -18.26 -6.41
C LEU C 114 16.09 -18.83 -5.04
N TYR C 115 16.71 -19.94 -4.65
CA TYR C 115 16.45 -20.52 -3.34
C TYR C 115 16.85 -19.55 -2.21
N MET C 116 18.05 -18.99 -2.31
CA MET C 116 18.45 -18.05 -1.27
C MET C 116 17.50 -16.86 -1.23
N ALA C 117 17.00 -16.44 -2.38
CA ALA C 117 16.16 -15.25 -2.42
C ALA C 117 14.80 -15.53 -1.82
N TYR C 118 14.21 -16.69 -2.12
CA TYR C 118 12.83 -17.00 -1.79
C TYR C 118 12.65 -17.74 -0.47
N PHE C 119 13.72 -18.27 0.11
CA PHE C 119 13.55 -19.14 1.26
C PHE C 119 12.85 -18.45 2.41
N PRO C 120 13.26 -17.25 2.86
CA PRO C 120 12.56 -16.60 4.00
C PRO C 120 11.10 -16.36 3.73
N VAL C 121 10.76 -15.98 2.49
CA VAL C 121 9.37 -15.78 2.08
C VAL C 121 8.59 -17.06 2.27
N HIS C 122 9.16 -18.18 1.81
CA HIS C 122 8.47 -19.47 1.97
C HIS C 122 8.31 -19.79 3.44
N GLU C 123 9.40 -19.72 4.21
CA GLU C 123 9.30 -19.93 5.65
C GLU C 123 8.14 -19.17 6.27
N THR C 124 7.94 -17.92 5.87
CA THR C 124 6.94 -17.08 6.54
C THR C 124 5.53 -17.35 6.03
N PHE C 125 5.39 -17.56 4.71
CA PHE C 125 4.07 -17.61 4.10
C PHE C 125 3.78 -18.92 3.38
N VAL C 126 4.37 -20.04 3.84
CA VAL C 126 4.11 -21.35 3.22
C VAL C 126 2.61 -21.65 3.24
N ASN C 127 1.95 -21.33 4.34
CA ASN C 127 0.52 -21.63 4.46
C ASN C 127 -0.32 -20.77 3.52
N VAL C 128 0.08 -19.53 3.28
CA VAL C 128 -0.62 -18.73 2.28
C VAL C 128 -0.39 -19.31 0.90
N THR C 129 0.84 -19.75 0.63
CA THR C 129 1.12 -20.37 -0.66
C THR C 129 0.24 -21.61 -0.85
N ARG C 130 0.02 -22.37 0.22
CA ARG C 130 -0.74 -23.60 0.13
C ARG C 130 -2.22 -23.31 0.00
N LYS C 131 -2.68 -22.22 0.60
CA LYS C 131 -4.05 -21.81 0.40
C LYS C 131 -4.28 -21.34 -1.03
N LEU C 132 -3.37 -20.52 -1.58
CA LEU C 132 -3.69 -19.93 -2.89
C LEU C 132 -3.54 -20.93 -4.02
N TYR C 133 -2.55 -21.81 -3.93
CA TYR C 133 -2.24 -22.71 -5.03
C TYR C 133 -2.65 -24.12 -4.71
N HIS C 134 -3.72 -24.27 -3.93
CA HIS C 134 -4.30 -25.59 -3.68
C HIS C 134 -3.25 -26.59 -3.20
N GLY C 135 -2.58 -26.25 -2.10
CA GLY C 135 -1.52 -27.06 -1.53
C GLY C 135 -1.93 -27.87 -0.33
N THR C 136 -3.22 -28.04 -0.10
CA THR C 136 -3.73 -28.98 0.88
C THR C 136 -4.82 -29.80 0.21
N VAL C 137 -5.05 -31.00 0.73
CA VAL C 137 -5.98 -31.89 0.05
C VAL C 137 -7.39 -31.38 0.26
N GLU C 138 -7.61 -30.67 1.36
CA GLU C 138 -8.97 -30.28 1.71
C GLU C 138 -9.39 -29.05 0.93
N GLY C 139 -8.50 -28.05 0.81
CA GLY C 139 -8.79 -26.88 -0.02
C GLY C 139 -8.92 -27.23 -1.50
N ALA C 140 -8.04 -28.12 -2.00
CA ALA C 140 -8.19 -28.61 -3.37
C ALA C 140 -9.50 -29.38 -3.55
N ALA C 141 -9.88 -30.19 -2.57
CA ALA C 141 -11.14 -30.90 -2.68
C ALA C 141 -12.32 -29.93 -2.72
N ARG C 142 -12.28 -28.90 -1.90
CA ARG C 142 -13.34 -27.93 -1.89
C ARG C 142 -13.47 -27.26 -3.27
N VAL C 143 -12.33 -26.99 -3.93
CA VAL C 143 -12.39 -26.39 -5.27
C VAL C 143 -12.94 -27.39 -6.30
N TYR C 144 -12.38 -28.61 -6.32
CA TYR C 144 -12.94 -29.68 -7.14
C TYR C 144 -14.46 -29.80 -7.02
N ASN C 145 -15.00 -29.78 -5.79
CA ASN C 145 -16.44 -29.87 -5.54
C ASN C 145 -17.21 -28.62 -5.96
N SER C 146 -16.52 -27.49 -6.08
CA SER C 146 -17.18 -26.30 -6.61
C SER C 146 -17.29 -26.32 -8.14
N ASP C 147 -16.49 -27.12 -8.83
CA ASP C 147 -16.34 -26.97 -10.27
C ASP C 147 -16.34 -28.33 -10.95
N PRO C 148 -17.46 -28.72 -11.57
CA PRO C 148 -17.52 -30.04 -12.20
C PRO C 148 -16.81 -30.12 -13.54
N ASN C 149 -16.20 -29.04 -14.01
CA ASN C 149 -15.45 -29.12 -15.25
C ASN C 149 -14.00 -29.47 -15.05
N LEU C 150 -13.51 -29.53 -13.82
CA LEU C 150 -12.14 -29.91 -13.56
C LEU C 150 -11.99 -31.43 -13.60
N LYS C 151 -10.89 -31.90 -14.19
CA LYS C 151 -10.56 -33.32 -14.10
C LYS C 151 -10.24 -33.70 -12.66
N ARG C 152 -10.68 -34.87 -12.23
CA ARG C 152 -10.50 -35.26 -10.84
C ARG C 152 -9.18 -36.00 -10.59
N LYS C 153 -8.84 -36.17 -9.32
CA LYS C 153 -7.53 -36.72 -8.96
C LYS C 153 -7.36 -38.14 -9.50
N ASN C 154 -8.34 -39.01 -9.27
CA ASN C 154 -8.27 -40.40 -9.65
C ASN C 154 -8.89 -40.66 -11.02
N GLU C 155 -9.04 -39.62 -11.84
CA GLU C 155 -9.81 -39.70 -13.07
C GLU C 155 -8.86 -39.79 -14.24
N SER C 156 -9.11 -40.74 -15.14
CA SER C 156 -8.34 -40.78 -16.37
C SER C 156 -8.62 -39.55 -17.21
N LEU C 157 -7.56 -38.92 -17.74
CA LEU C 157 -7.75 -37.78 -18.64
C LEU C 157 -8.51 -38.17 -19.88
N PHE C 158 -8.39 -39.42 -20.32
CA PHE C 158 -9.07 -39.87 -21.53
C PHE C 158 -10.56 -40.04 -21.27
N THR C 159 -10.93 -40.64 -20.13
CA THR C 159 -12.35 -40.82 -19.82
C THR C 159 -12.99 -39.48 -19.52
N TYR C 160 -12.23 -38.58 -18.90
CA TYR C 160 -12.72 -37.21 -18.67
C TYR C 160 -12.99 -36.50 -19.99
N CYS C 161 -12.02 -36.54 -20.92
CA CYS C 161 -12.23 -35.91 -22.23
C CYS C 161 -13.41 -36.54 -22.98
N GLU C 162 -13.48 -37.90 -23.01
CA GLU C 162 -14.60 -38.60 -23.63
C GLU C 162 -15.92 -38.13 -23.05
N LYS C 163 -15.98 -37.99 -21.73
CA LYS C 163 -17.19 -37.50 -21.07
C LYS C 163 -17.57 -36.11 -21.58
N HIS C 164 -16.58 -35.25 -21.84
CA HIS C 164 -16.96 -33.91 -22.31
C HIS C 164 -17.20 -33.82 -23.82
N VAL C 165 -16.53 -34.61 -24.63
CA VAL C 165 -16.61 -34.45 -26.08
C VAL C 165 -17.73 -35.31 -26.69
N TYR C 166 -17.84 -36.57 -26.29
CA TYR C 166 -18.81 -37.45 -26.94
C TYR C 166 -20.13 -37.50 -26.21
N GLY C 167 -20.13 -37.34 -24.89
CA GLY C 167 -21.36 -37.50 -24.15
C GLY C 167 -21.91 -38.90 -24.31
N ASP C 168 -23.20 -38.99 -24.57
CA ASP C 168 -23.88 -40.27 -24.78
C ASP C 168 -24.00 -40.63 -26.26
N GLN C 169 -23.54 -39.77 -27.15
CA GLN C 169 -23.78 -39.95 -28.57
C GLN C 169 -22.50 -40.35 -29.28
N ASN C 170 -22.68 -41.05 -30.41
CA ASN C 170 -21.55 -41.41 -31.25
C ASN C 170 -20.64 -42.40 -30.55
N ARG C 171 -21.27 -43.39 -29.91
CA ARG C 171 -20.48 -44.42 -29.23
C ARG C 171 -19.68 -45.25 -30.24
N GLU C 172 -20.20 -45.45 -31.45
CA GLU C 172 -19.42 -46.19 -32.43
C GLU C 172 -18.17 -45.41 -32.83
N ASP C 173 -18.32 -44.12 -33.13
CA ASP C 173 -17.16 -43.29 -33.38
C ASP C 173 -16.21 -43.29 -32.17
N MET C 174 -16.75 -43.23 -30.95
CA MET C 174 -15.88 -43.17 -29.78
C MET C 174 -15.08 -44.46 -29.65
N CYS C 175 -15.73 -45.60 -29.92
CA CYS C 175 -15.05 -46.88 -29.87
C CYS C 175 -13.96 -46.95 -30.93
N ARG C 176 -14.29 -46.58 -32.18
CA ARG C 176 -13.25 -46.53 -33.21
C ARG C 176 -12.07 -45.68 -32.74
N GLY C 177 -12.36 -44.54 -32.13
CA GLY C 177 -11.28 -43.65 -31.69
C GLY C 177 -10.43 -44.27 -30.61
N ARG C 178 -11.05 -44.87 -29.60
CA ARG C 178 -10.31 -45.61 -28.59
C ARG C 178 -9.57 -46.83 -29.14
N ARG C 179 -9.94 -47.34 -30.33
CA ARG C 179 -9.15 -48.35 -31.01
C ARG C 179 -8.08 -47.77 -31.94
N TYR C 180 -7.82 -46.46 -31.88
CA TYR C 180 -6.76 -45.77 -32.63
C TYR C 180 -7.05 -45.61 -34.13
N GLU C 181 -8.32 -45.62 -34.51
CA GLU C 181 -8.70 -45.35 -35.88
C GLU C 181 -8.82 -43.85 -36.12
N LEU C 182 -8.53 -43.43 -37.35
CA LEU C 182 -8.58 -42.04 -37.77
C LEU C 182 -9.85 -41.79 -38.57
N THR C 183 -10.94 -41.54 -37.83
CA THR C 183 -12.25 -41.34 -38.45
C THR C 183 -12.42 -39.95 -39.01
N GLY C 184 -11.60 -38.99 -38.59
CA GLY C 184 -11.75 -37.65 -39.12
C GLY C 184 -12.98 -36.91 -38.64
N SER C 185 -13.72 -37.43 -37.68
CA SER C 185 -14.94 -36.80 -37.20
C SER C 185 -14.64 -35.58 -36.32
N ASP C 186 -15.64 -34.70 -36.16
CA ASP C 186 -15.47 -33.56 -35.27
C ASP C 186 -15.23 -34.01 -33.83
N GLU C 187 -15.98 -35.01 -33.39
CA GLU C 187 -15.80 -35.49 -32.03
C GLU C 187 -14.38 -35.99 -31.81
N LEU C 188 -13.82 -36.71 -32.77
CA LEU C 188 -12.49 -37.24 -32.55
C LEU C 188 -11.44 -36.12 -32.54
N ARG C 189 -11.64 -35.09 -33.37
CA ARG C 189 -10.68 -33.97 -33.34
C ARG C 189 -10.76 -33.18 -32.04
N ASN C 190 -11.97 -32.90 -31.56
CA ASN C 190 -12.11 -32.29 -30.24
C ASN C 190 -11.55 -33.19 -29.14
N MET C 191 -11.81 -34.49 -29.21
CA MET C 191 -11.27 -35.40 -28.21
C MET C 191 -9.75 -35.32 -28.18
N ILE C 192 -9.11 -35.33 -29.35
CA ILE C 192 -7.65 -35.32 -29.37
C ILE C 192 -7.12 -33.97 -28.94
N GLU C 193 -7.84 -32.89 -29.25
CA GLU C 193 -7.46 -31.60 -28.71
C GLU C 193 -7.49 -31.62 -27.18
N CYS C 194 -8.59 -32.12 -26.61
CA CYS C 194 -8.72 -32.16 -25.16
C CYS C 194 -7.58 -32.95 -24.55
N VAL C 195 -7.30 -34.14 -25.09
CA VAL C 195 -6.25 -35.01 -24.55
C VAL C 195 -4.88 -34.34 -24.66
N PHE C 196 -4.59 -33.67 -25.78
CA PHE C 196 -3.27 -33.10 -25.97
C PHE C 196 -3.05 -31.89 -25.07
N ARG C 197 -4.10 -31.10 -24.85
CA ARG C 197 -4.03 -30.03 -23.88
C ARG C 197 -3.81 -30.59 -22.46
N GLY C 198 -4.65 -31.52 -22.03
CA GLY C 198 -4.47 -32.06 -20.69
C GLY C 198 -3.17 -32.83 -20.50
N LEU C 199 -2.59 -33.37 -21.59
CA LEU C 199 -1.32 -34.07 -21.43
C LEU C 199 -0.15 -33.12 -21.53
N ARG C 200 -0.42 -31.88 -21.85
CA ARG C 200 0.62 -30.91 -22.15
C ARG C 200 1.40 -31.29 -23.37
N TYR C 201 0.79 -32.08 -24.29
CA TYR C 201 1.40 -32.31 -25.60
C TYR C 201 1.37 -31.05 -26.44
N ILE C 202 0.45 -30.14 -26.15
CA ILE C 202 0.37 -28.86 -26.82
C ILE C 202 0.73 -27.85 -25.77
N LYS C 203 1.87 -27.19 -25.95
CA LYS C 203 2.34 -26.13 -25.06
C LYS C 203 2.26 -24.81 -25.81
N HIS C 204 1.60 -23.84 -25.19
CA HIS C 204 1.22 -22.61 -25.87
C HIS C 204 0.08 -22.91 -26.84
N GLY C 205 0.36 -22.87 -28.12
CA GLY C 205 -0.61 -23.35 -29.07
C GLY C 205 0.09 -24.23 -30.08
N ASP C 206 1.30 -24.69 -29.78
CA ASP C 206 2.02 -25.56 -30.68
C ASP C 206 2.35 -26.88 -29.99
N ILE C 207 2.85 -27.82 -30.80
CA ILE C 207 3.27 -29.12 -30.28
C ILE C 207 4.42 -28.94 -29.29
N ASN C 208 4.37 -29.71 -28.21
CA ASN C 208 5.44 -29.75 -27.21
C ASN C 208 6.18 -31.07 -27.38
N ILE C 209 7.18 -31.06 -28.26
CA ILE C 209 7.84 -32.31 -28.60
C ILE C 209 8.42 -32.98 -27.37
N ASP C 210 9.04 -32.20 -26.48
CA ASP C 210 9.65 -32.82 -25.29
C ASP C 210 8.67 -33.69 -24.54
N GLU C 211 7.41 -33.25 -24.38
CA GLU C 211 6.48 -34.02 -23.55
C GLU C 211 6.19 -35.39 -24.15
N ILE C 212 6.14 -35.43 -25.49
CA ILE C 212 5.92 -36.69 -26.18
C ILE C 212 7.17 -37.55 -26.12
N VAL C 213 8.34 -36.94 -26.30
CA VAL C 213 9.59 -37.67 -26.13
C VAL C 213 9.65 -38.31 -24.75
N ARG C 214 9.19 -37.56 -23.74
CA ARG C 214 9.18 -38.05 -22.36
C ARG C 214 8.35 -39.31 -22.22
N ASP C 215 7.12 -39.28 -22.75
CA ASP C 215 6.28 -40.46 -22.72
C ASP C 215 6.92 -41.61 -23.50
N PHE C 216 7.78 -41.30 -24.46
CA PHE C 216 8.45 -42.39 -25.16
C PHE C 216 9.58 -42.96 -24.32
N ASP C 217 10.25 -42.10 -23.54
CA ASP C 217 11.22 -42.58 -22.55
C ASP C 217 10.57 -43.51 -21.56
N HIS C 218 9.38 -43.15 -21.05
CA HIS C 218 8.72 -43.96 -20.03
C HIS C 218 8.48 -45.41 -20.48
N ILE C 219 8.31 -45.67 -21.76
CA ILE C 219 8.08 -47.05 -22.20
C ILE C 219 9.43 -47.67 -22.57
N ASN C 220 10.51 -47.01 -22.20
CA ASN C 220 11.85 -47.51 -22.51
C ASN C 220 12.10 -47.56 -24.02
N ARG C 221 11.61 -46.55 -24.71
CA ARG C 221 11.90 -46.44 -26.12
C ARG C 221 12.50 -45.07 -26.39
N GLY C 222 13.48 -44.65 -25.58
CA GLY C 222 14.14 -43.38 -25.82
C GLY C 222 14.92 -43.33 -27.14
N ASP C 223 15.35 -44.49 -27.64
CA ASP C 223 16.04 -44.54 -28.92
C ASP C 223 15.22 -43.93 -30.06
N LEU C 224 13.91 -43.82 -29.87
CA LEU C 224 13.06 -43.26 -30.92
C LEU C 224 12.89 -41.76 -30.80
N GLU C 225 13.57 -41.11 -29.85
CA GLU C 225 13.59 -39.65 -29.82
C GLU C 225 13.93 -39.00 -31.15
N PRO C 226 14.95 -39.40 -31.87
CA PRO C 226 15.18 -38.79 -33.18
C PRO C 226 13.96 -38.91 -34.08
N ARG C 227 13.55 -40.15 -34.35
CA ARG C 227 12.34 -40.39 -35.12
C ARG C 227 11.17 -39.51 -34.66
N VAL C 228 10.80 -39.61 -33.39
CA VAL C 228 9.71 -38.79 -32.85
C VAL C 228 9.93 -37.32 -33.22
N ARG C 229 11.10 -36.79 -32.88
CA ARG C 229 11.36 -35.37 -33.11
C ARG C 229 11.20 -35.01 -34.59
N THR C 230 11.62 -35.91 -35.48
CA THR C 230 11.46 -35.65 -36.92
C THR C 230 9.98 -35.72 -37.32
N ILE C 231 9.26 -36.74 -36.81
CA ILE C 231 7.87 -36.92 -37.24
C ILE C 231 7.05 -35.70 -36.83
N LEU C 232 7.34 -35.16 -35.65
CA LEU C 232 6.60 -33.98 -35.22
C LEU C 232 7.13 -32.72 -35.88
N SER C 233 8.41 -32.73 -36.28
CA SER C 233 8.96 -31.56 -36.93
C SER C 233 8.53 -31.45 -38.39
N ASP C 234 8.19 -32.56 -39.03
CA ASP C 234 7.74 -32.56 -40.42
C ASP C 234 6.23 -32.68 -40.55
N CYS C 235 5.50 -32.70 -39.44
CA CYS C 235 4.06 -32.86 -39.54
C CYS C 235 3.42 -31.56 -40.01
N ARG C 236 2.49 -31.67 -40.96
CA ARG C 236 1.86 -30.48 -41.51
C ARG C 236 0.59 -30.16 -40.73
N GLY C 237 0.44 -28.89 -40.39
CA GLY C 237 -0.68 -28.41 -39.61
C GLY C 237 -0.26 -28.19 -38.17
N ILE C 238 -1.14 -27.51 -37.43
CA ILE C 238 -0.89 -27.27 -36.02
C ILE C 238 -2.03 -27.74 -35.14
N GLN C 239 -3.10 -28.28 -35.69
CA GLN C 239 -4.13 -28.81 -34.84
C GLN C 239 -3.63 -30.09 -34.17
N PRO C 240 -4.01 -30.34 -32.92
CA PRO C 240 -3.52 -31.58 -32.28
C PRO C 240 -3.79 -32.82 -33.12
N TYR C 241 -4.96 -32.89 -33.75
CA TYR C 241 -5.30 -34.09 -34.52
C TYR C 241 -4.31 -34.33 -35.66
N ASP C 242 -3.77 -33.27 -36.28
CA ASP C 242 -2.74 -33.45 -37.31
C ASP C 242 -1.50 -34.17 -36.78
N TYR C 243 -0.98 -33.71 -35.62
CA TYR C 243 0.13 -34.39 -34.96
C TYR C 243 -0.22 -35.81 -34.61
N TYR C 244 -1.47 -36.03 -34.15
CA TYR C 244 -1.92 -37.37 -33.83
C TYR C 244 -1.87 -38.27 -35.06
N SER C 245 -2.37 -37.77 -36.20
CA SER C 245 -2.34 -38.54 -37.43
C SER C 245 -0.92 -38.80 -37.88
N CYS C 246 -0.04 -37.81 -37.73
CA CYS C 246 1.33 -37.99 -38.16
C CYS C 246 2.00 -39.06 -37.35
N LEU C 247 1.65 -39.18 -36.07
CA LEU C 247 2.26 -40.26 -35.29
C LEU C 247 1.63 -41.59 -35.65
N ILE C 248 0.30 -41.61 -35.74
CA ILE C 248 -0.40 -42.86 -36.03
C ILE C 248 -0.01 -43.37 -37.41
N ASN C 249 0.27 -42.46 -38.35
CA ASN C 249 0.63 -42.76 -39.75
C ASN C 249 2.13 -42.88 -39.95
N SER C 250 2.87 -43.44 -39.00
CA SER C 250 4.32 -43.45 -39.12
C SER C 250 4.84 -44.86 -38.84
N ASP C 251 6.16 -44.99 -38.86
CA ASP C 251 6.76 -46.29 -38.58
C ASP C 251 6.82 -46.59 -37.09
N ILE C 252 6.45 -45.64 -36.22
CA ILE C 252 6.41 -45.87 -34.78
C ILE C 252 4.97 -45.90 -34.27
N ARG C 253 4.01 -46.10 -35.16
CA ARG C 253 2.63 -46.17 -34.72
C ARG C 253 2.46 -47.04 -33.49
N GLU C 254 2.92 -48.28 -33.54
CA GLU C 254 2.62 -49.20 -32.44
C GLU C 254 3.32 -48.75 -31.18
N GLU C 255 4.51 -48.22 -31.31
CA GLU C 255 5.21 -47.73 -30.13
C GLU C 255 4.49 -46.53 -29.56
N PHE C 256 3.92 -45.70 -30.45
CA PHE C 256 3.13 -44.59 -30.00
C PHE C 256 1.90 -45.07 -29.24
N LYS C 257 1.27 -46.15 -29.70
CA LYS C 257 0.16 -46.73 -28.95
C LYS C 257 0.61 -47.16 -27.56
N LEU C 258 1.75 -47.83 -27.48
CA LEU C 258 2.28 -48.21 -26.18
C LEU C 258 2.47 -47.00 -25.28
N ALA C 259 3.14 -45.97 -25.80
CA ALA C 259 3.47 -44.83 -24.97
C ALA C 259 2.20 -44.10 -24.55
N PHE C 260 1.27 -43.97 -25.49
CA PHE C 260 0.02 -43.24 -25.25
C PHE C 260 -0.82 -43.97 -24.22
N ASP C 261 -0.84 -45.31 -24.28
CA ASP C 261 -1.60 -46.04 -23.28
C ASP C 261 -0.96 -45.90 -21.91
N TYR C 262 0.36 -46.02 -21.85
CA TYR C 262 0.99 -45.91 -20.53
C TYR C 262 0.74 -44.53 -19.96
N ARG C 263 0.74 -43.51 -20.81
CA ARG C 263 0.46 -42.16 -20.33
C ARG C 263 -1.00 -42.01 -19.94
N ASP C 264 -1.90 -42.72 -20.61
CA ASP C 264 -3.29 -42.73 -20.17
C ASP C 264 -3.36 -43.23 -18.74
N VAL C 265 -2.73 -44.38 -18.48
CA VAL C 265 -2.70 -44.93 -17.13
C VAL C 265 -2.17 -43.89 -16.13
N ARG C 266 -0.98 -43.36 -16.40
CA ARG C 266 -0.36 -42.36 -15.53
C ARG C 266 -1.16 -41.05 -15.39
N SER C 267 -2.08 -40.74 -16.32
CA SER C 267 -2.84 -39.50 -16.25
C SER C 267 -3.95 -39.54 -15.21
N ALA C 268 -4.31 -40.74 -14.74
CA ALA C 268 -5.31 -40.95 -13.69
C ALA C 268 -4.71 -40.89 -12.29
N ASP C 269 -3.42 -40.62 -12.19
CA ASP C 269 -2.71 -40.65 -10.93
C ASP C 269 -1.43 -39.83 -11.09
N TYR C 270 -1.56 -38.52 -10.97
CA TYR C 270 -0.43 -37.66 -11.27
C TYR C 270 0.81 -38.03 -10.47
N ALA C 271 0.63 -38.64 -9.29
CA ALA C 271 1.75 -39.06 -8.47
C ALA C 271 2.17 -40.51 -8.75
N TYR C 272 1.79 -41.08 -9.89
CA TYR C 272 2.11 -42.48 -10.22
C TYR C 272 3.61 -42.78 -10.05
N ILE C 273 4.47 -41.96 -10.67
CA ILE C 273 5.90 -42.23 -10.60
C ILE C 273 6.48 -41.83 -9.25
N VAL C 274 6.00 -40.73 -8.68
CA VAL C 274 6.52 -40.25 -7.40
C VAL C 274 6.33 -41.31 -6.32
N LYS C 275 5.20 -42.02 -6.35
CA LYS C 275 4.98 -43.13 -5.43
C LYS C 275 5.89 -44.32 -5.68
N GLY C 276 6.58 -44.37 -6.81
CA GLY C 276 7.47 -45.48 -7.10
C GLY C 276 6.91 -46.59 -7.95
N ASN C 277 5.94 -46.29 -8.81
CA ASN C 277 5.41 -47.30 -9.71
C ASN C 277 6.23 -47.32 -10.99
N THR C 278 6.43 -48.51 -11.55
CA THR C 278 7.21 -48.71 -12.76
C THR C 278 6.31 -49.21 -13.88
N TYR C 279 6.93 -49.45 -15.05
CA TYR C 279 6.19 -49.68 -16.29
C TYR C 279 6.04 -51.18 -16.53
N ASP C 280 4.80 -51.64 -16.56
CA ASP C 280 4.46 -53.02 -16.87
C ASP C 280 3.52 -53.00 -18.07
N ALA C 281 4.04 -53.38 -19.25
CA ALA C 281 3.23 -53.26 -20.45
C ALA C 281 1.95 -54.09 -20.36
N GLN C 282 2.03 -55.29 -19.76
CA GLN C 282 0.86 -56.17 -19.68
C GLN C 282 -0.22 -55.58 -18.79
N LYS C 283 0.13 -55.07 -17.63
CA LYS C 283 -0.87 -54.38 -16.84
C LYS C 283 -1.53 -53.25 -17.63
N VAL C 284 -0.73 -52.50 -18.41
CA VAL C 284 -1.27 -51.33 -19.14
C VAL C 284 -2.28 -51.80 -20.18
N ILE C 285 -1.85 -52.75 -21.04
CA ILE C 285 -2.73 -53.34 -22.06
C ILE C 285 -4.00 -53.86 -21.43
N ALA C 286 -3.90 -54.57 -20.29
CA ALA C 286 -5.07 -55.19 -19.66
C ALA C 286 -6.06 -54.15 -19.18
N GLU C 287 -5.57 -53.08 -18.54
CA GLU C 287 -6.46 -52.01 -18.12
C GLU C 287 -7.11 -51.35 -19.33
N MET C 288 -6.32 -51.07 -20.37
CA MET C 288 -6.89 -50.47 -21.56
C MET C 288 -7.94 -51.40 -22.16
N ASN C 289 -7.67 -52.70 -22.18
CA ASN C 289 -8.57 -53.64 -22.81
C ASN C 289 -9.89 -53.67 -22.08
N LYS C 290 -9.85 -53.56 -20.75
CA LYS C 290 -11.10 -53.50 -20.02
C LYS C 290 -11.89 -52.27 -20.43
N VAL C 291 -11.24 -51.10 -20.45
CA VAL C 291 -12.00 -49.91 -20.80
C VAL C 291 -12.52 -50.00 -22.23
N GLU C 292 -11.73 -50.57 -23.14
CA GLU C 292 -12.13 -50.73 -24.54
C GLU C 292 -13.36 -51.64 -24.65
N LYS C 293 -13.27 -52.83 -24.02
CA LYS C 293 -14.39 -53.76 -24.08
C LYS C 293 -15.65 -53.09 -23.57
N HIS C 294 -15.52 -52.20 -22.60
CA HIS C 294 -16.72 -51.54 -22.08
C HIS C 294 -17.23 -50.46 -23.03
N VAL C 295 -16.33 -49.69 -23.63
CA VAL C 295 -16.77 -48.65 -24.54
C VAL C 295 -17.41 -49.25 -25.78
N CYS C 296 -16.82 -50.32 -26.33
CA CYS C 296 -17.26 -50.91 -27.58
C CYS C 296 -18.40 -51.89 -27.41
N GLY C 297 -19.35 -51.62 -26.52
CA GLY C 297 -20.53 -52.44 -26.40
C GLY C 297 -20.22 -53.85 -25.91
N ARG D 3 4.86 10.53 20.31
CA ARG D 3 3.88 10.33 19.24
C ARG D 3 2.61 11.15 19.51
N TRP D 4 1.62 11.02 18.62
CA TRP D 4 0.38 11.80 18.70
C TRP D 4 -0.69 11.09 19.53
N THR D 5 -1.51 11.88 20.21
CA THR D 5 -2.51 11.35 21.14
C THR D 5 -3.91 11.56 20.57
N ALA D 6 -4.72 10.51 20.62
CA ALA D 6 -6.09 10.55 20.13
C ALA D 6 -6.91 11.59 20.89
N LEU D 7 -7.88 12.15 20.18
CA LEU D 7 -8.75 13.20 20.70
C LEU D 7 -9.98 12.60 21.36
N THR D 8 -10.30 13.08 22.57
CA THR D 8 -11.50 12.67 23.28
C THR D 8 -12.73 13.35 22.67
N PRO D 9 -13.93 12.91 23.02
CA PRO D 9 -15.12 13.64 22.56
C PRO D 9 -15.20 15.05 23.12
N GLU D 10 -14.65 15.30 24.31
CA GLU D 10 -14.61 16.68 24.81
C GLU D 10 -13.76 17.56 23.90
N GLU D 11 -12.59 17.07 23.51
CA GLU D 11 -11.70 17.84 22.65
C GLU D 11 -12.30 18.12 21.28
N THR D 12 -13.01 17.14 20.69
CA THR D 12 -13.58 17.34 19.35
C THR D 12 -14.80 18.25 19.41
N LEU D 13 -15.65 18.08 20.43
CA LEU D 13 -16.72 19.03 20.70
C LEU D 13 -16.18 20.45 20.83
N PHE D 14 -15.09 20.61 21.60
CA PHE D 14 -14.44 21.92 21.68
C PHE D 14 -14.02 22.45 20.30
N ILE D 15 -13.35 21.62 19.50
CA ILE D 15 -12.93 22.01 18.15
C ILE D 15 -14.12 22.45 17.29
N TYR D 16 -15.13 21.58 17.15
CA TYR D 16 -16.30 21.91 16.31
C TYR D 16 -16.94 23.22 16.71
N THR D 17 -17.25 23.39 18.01
CA THR D 17 -17.96 24.59 18.45
C THR D 17 -17.09 25.85 18.33
N ARG D 18 -15.79 25.75 18.63
CA ARG D 18 -14.91 26.91 18.46
C ARG D 18 -14.77 27.32 17.00
N CYS D 19 -14.62 26.35 16.09
CA CYS D 19 -14.54 26.63 14.66
C CYS D 19 -15.82 27.28 14.16
N GLN D 20 -16.98 26.81 14.64
CA GLN D 20 -18.21 27.51 14.25
C GLN D 20 -18.25 28.92 14.81
N GLU D 21 -17.85 29.14 16.07
CA GLU D 21 -17.86 30.49 16.63
C GLU D 21 -16.98 31.41 15.80
N GLU D 22 -15.76 30.96 15.50
CA GLU D 22 -14.79 31.80 14.83
C GLU D 22 -15.09 32.01 13.36
N HIS D 23 -15.86 31.12 12.73
CA HIS D 23 -16.09 31.22 11.30
C HIS D 23 -17.53 31.50 10.90
N LEU D 24 -18.49 31.42 11.82
CA LEU D 24 -19.85 31.78 11.50
C LEU D 24 -19.98 33.29 11.28
N PRO D 25 -20.87 33.72 10.40
CA PRO D 25 -21.09 35.15 10.20
C PRO D 25 -21.92 35.76 11.33
N ALA D 26 -21.74 37.07 11.51
CA ALA D 26 -22.39 37.80 12.59
C ALA D 26 -23.92 37.64 12.56
N ASN D 29 -28.23 36.80 9.29
CA ASN D 29 -29.33 36.12 8.61
C ASN D 29 -28.90 34.73 8.15
N SER D 30 -27.96 34.67 7.20
CA SER D 30 -27.50 33.39 6.67
C SER D 30 -26.79 32.54 7.73
N ARG D 31 -26.53 33.09 8.92
CA ARG D 31 -26.06 32.27 10.03
C ARG D 31 -26.90 31.01 10.16
N LYS D 32 -28.23 31.12 9.98
CA LYS D 32 -29.12 29.97 10.10
C LYS D 32 -28.76 28.90 9.09
N THR D 33 -28.54 29.30 7.83
CA THR D 33 -28.26 28.31 6.78
C THR D 33 -26.93 27.60 7.03
N TYR D 34 -25.89 28.36 7.37
CA TYR D 34 -24.61 27.73 7.66
C TYR D 34 -24.73 26.75 8.82
N ILE D 35 -25.42 27.15 9.90
CA ILE D 35 -25.56 26.26 11.04
C ILE D 35 -26.32 25.00 10.64
N GLU D 36 -27.43 25.16 9.93
CA GLU D 36 -28.24 24.02 9.56
C GLU D 36 -27.45 23.04 8.70
N ASN D 37 -26.67 23.56 7.74
CA ASN D 37 -25.87 22.68 6.91
C ASN D 37 -24.78 21.99 7.73
N TRP D 38 -23.98 22.77 8.45
CA TRP D 38 -22.86 22.19 9.18
C TRP D 38 -23.32 21.21 10.24
N HIS D 39 -24.55 21.34 10.73
CA HIS D 39 -25.05 20.36 11.68
C HIS D 39 -25.16 18.99 11.02
N GLN D 40 -25.65 18.95 9.79
CA GLN D 40 -25.72 17.70 9.05
C GLN D 40 -24.37 17.23 8.50
N TRP D 41 -23.27 17.92 8.84
CA TRP D 41 -21.95 17.65 8.28
C TRP D 41 -21.90 17.90 6.77
N LYS D 42 -22.81 18.71 6.25
CA LYS D 42 -22.80 19.10 4.84
C LYS D 42 -21.95 20.35 4.68
N LEU D 43 -20.86 20.23 3.93
CA LEU D 43 -19.96 21.35 3.69
C LEU D 43 -20.53 22.26 2.59
N GLN D 44 -21.70 22.80 2.86
CA GLN D 44 -22.43 23.67 1.94
C GLN D 44 -22.85 24.95 2.64
N PRO D 45 -22.92 26.08 1.90
CA PRO D 45 -22.56 26.14 0.49
C PRO D 45 -21.04 26.22 0.28
N ASN D 46 -20.62 26.35 -0.99
CA ASN D 46 -19.21 26.32 -1.36
C ASN D 46 -18.74 27.76 -1.53
N ASP D 47 -18.18 28.31 -0.46
CA ASP D 47 -17.70 29.69 -0.45
C ASP D 47 -16.58 29.80 0.59
N HIS D 48 -16.13 31.02 0.83
CA HIS D 48 -15.05 31.24 1.77
C HIS D 48 -15.44 30.80 3.16
N VAL D 49 -16.70 30.98 3.54
CA VAL D 49 -17.10 30.66 4.90
C VAL D 49 -16.93 29.17 5.15
N THR D 50 -17.56 28.35 4.32
CA THR D 50 -17.47 26.91 4.52
C THR D 50 -16.05 26.41 4.31
N GLN D 51 -15.32 27.00 3.37
CA GLN D 51 -13.93 26.60 3.15
C GLN D 51 -13.10 26.82 4.41
N CYS D 52 -13.20 28.00 5.00
CA CYS D 52 -12.40 28.26 6.18
C CYS D 52 -12.89 27.46 7.38
N TYR D 53 -14.18 27.18 7.44
CA TYR D 53 -14.70 26.30 8.48
C TYR D 53 -14.07 24.93 8.38
N THR D 54 -14.00 24.39 7.17
CA THR D 54 -13.41 23.06 7.04
CA THR D 54 -13.41 23.06 7.02
C THR D 54 -11.91 23.08 7.31
N LYS D 55 -11.21 24.13 6.87
CA LYS D 55 -9.80 24.25 7.22
C LYS D 55 -9.61 24.30 8.73
N CYS D 56 -10.42 25.11 9.41
CA CYS D 56 -10.39 25.15 10.86
C CYS D 56 -10.55 23.75 11.43
N VAL D 57 -11.64 23.08 11.08
CA VAL D 57 -11.93 21.78 11.67
C VAL D 57 -10.81 20.80 11.36
N LEU D 58 -10.19 20.90 10.18
CA LEU D 58 -9.16 19.94 9.82
C LEU D 58 -7.92 20.16 10.65
N GLU D 59 -7.57 21.42 10.86
CA GLU D 59 -6.41 21.70 11.70
C GLU D 59 -6.71 21.39 13.15
N GLY D 60 -7.96 21.56 13.59
CA GLY D 60 -8.36 21.34 14.97
C GLY D 60 -8.50 19.87 15.29
N LEU D 61 -9.08 19.12 14.38
CA LEU D 61 -8.96 17.69 14.59
C LEU D 61 -7.53 17.17 14.35
N GLU D 62 -6.59 18.02 13.95
CA GLU D 62 -5.20 17.63 13.73
C GLU D 62 -5.07 16.64 12.60
N LEU D 63 -6.08 16.60 11.73
CA LEU D 63 -5.97 15.81 10.51
C LEU D 63 -5.00 16.46 9.54
N TYR D 64 -5.08 17.77 9.39
CA TYR D 64 -4.11 18.53 8.62
C TYR D 64 -3.13 19.16 9.59
N ASP D 65 -1.84 18.97 9.33
CA ASP D 65 -0.77 19.48 10.17
C ASP D 65 -0.47 20.93 9.76
N GLY D 66 -0.88 21.89 10.59
CA GLY D 66 -0.59 23.27 10.29
C GLY D 66 0.88 23.53 10.08
N LYS D 67 1.70 23.13 11.06
CA LYS D 67 3.15 23.38 10.98
C LYS D 67 3.76 22.67 9.78
N GLN D 68 3.67 21.34 9.75
CA GLN D 68 4.28 20.58 8.66
C GLN D 68 3.59 20.81 7.31
N LYS D 69 2.39 21.40 7.30
CA LYS D 69 1.66 21.68 6.05
C LYS D 69 1.51 20.41 5.21
N LYS D 70 0.67 19.51 5.72
CA LYS D 70 0.39 18.22 5.09
C LYS D 70 -0.54 17.40 5.96
N PHE D 71 -1.24 16.46 5.32
CA PHE D 71 -2.11 15.53 6.01
C PHE D 71 -1.32 14.43 6.71
N ARG D 72 -1.91 13.89 7.77
CA ARG D 72 -1.22 12.97 8.65
C ARG D 72 -2.07 11.71 8.77
N PRO D 73 -1.96 10.81 7.78
CA PRO D 73 -2.85 9.64 7.79
C PRO D 73 -2.68 8.72 8.99
N GLY D 74 -1.52 8.70 9.63
CA GLY D 74 -1.37 7.87 10.81
C GLY D 74 -2.34 8.26 11.92
N ARG D 75 -2.57 9.55 12.09
CA ARG D 75 -3.46 9.97 13.15
C ARG D 75 -4.87 9.41 12.98
N VAL D 76 -5.27 9.10 11.76
CA VAL D 76 -6.58 8.49 11.57
C VAL D 76 -6.63 7.14 12.27
N SER D 77 -5.67 6.28 11.96
CA SER D 77 -5.65 4.98 12.59
C SER D 77 -5.42 5.10 14.11
N SER D 78 -4.66 6.10 14.56
CA SER D 78 -4.50 6.32 16.00
C SER D 78 -5.84 6.64 16.66
N GLN D 79 -6.61 7.55 16.04
CA GLN D 79 -7.92 7.94 16.54
C GLN D 79 -8.87 6.74 16.58
N HIS D 80 -8.85 5.94 15.52
CA HIS D 80 -9.73 4.79 15.48
C HIS D 80 -9.36 3.78 16.56
N VAL D 81 -8.05 3.49 16.67
CA VAL D 81 -7.65 2.46 17.62
C VAL D 81 -7.97 2.87 19.02
N ALA D 82 -7.87 4.17 19.34
CA ALA D 82 -8.22 4.60 20.70
C ALA D 82 -9.66 4.26 21.08
N TYR D 83 -10.57 4.07 20.11
CA TYR D 83 -11.97 3.84 20.45
C TYR D 83 -12.60 2.74 19.60
N GLN D 84 -11.81 1.71 19.31
CA GLN D 84 -12.17 0.73 18.28
C GLN D 84 -13.46 0.02 18.60
N PHE D 85 -13.73 -0.25 19.86
CA PHE D 85 -14.92 -1.03 20.18
C PHE D 85 -16.17 -0.17 20.21
N LEU D 86 -16.06 1.00 20.84
CA LEU D 86 -17.17 1.93 20.95
C LEU D 86 -17.43 2.72 19.68
N ASN D 87 -16.47 2.67 18.73
CA ASN D 87 -16.56 3.40 17.47
C ASN D 87 -17.77 3.05 16.64
N GLY D 88 -17.98 1.76 16.41
CA GLY D 88 -18.83 1.31 15.34
C GLY D 88 -18.20 1.36 13.95
N ALA D 89 -16.91 1.71 13.85
CA ALA D 89 -16.20 1.78 12.58
C ALA D 89 -15.49 0.47 12.28
N THR D 90 -15.54 0.03 11.03
CA THR D 90 -14.84 -1.19 10.65
C THR D 90 -13.39 -0.90 10.25
N ALA D 91 -12.62 -1.99 10.16
CA ALA D 91 -11.24 -1.89 9.71
C ALA D 91 -11.16 -1.53 8.25
N ASP D 92 -12.13 -1.96 7.43
CA ASP D 92 -12.20 -1.54 6.04
C ASP D 92 -12.47 -0.04 5.91
N GLU D 93 -13.54 0.45 6.53
CA GLU D 93 -13.80 1.88 6.53
C GLU D 93 -12.53 2.66 6.81
N VAL D 94 -11.87 2.35 7.92
CA VAL D 94 -10.74 3.14 8.35
C VAL D 94 -9.62 3.06 7.32
N ALA D 95 -9.36 1.85 6.81
CA ALA D 95 -8.31 1.65 5.81
C ALA D 95 -8.56 2.44 4.53
N LYS D 96 -9.79 2.46 4.03
CA LYS D 96 -10.07 3.27 2.83
C LYS D 96 -9.94 4.76 3.14
N TYR D 97 -10.50 5.22 4.26
CA TYR D 97 -10.36 6.62 4.66
C TYR D 97 -8.91 7.03 4.80
N LYS D 98 -8.11 6.19 5.46
CA LYS D 98 -6.70 6.51 5.63
C LYS D 98 -6.00 6.50 4.28
N GLY D 99 -6.27 5.51 3.43
CA GLY D 99 -5.63 5.52 2.12
C GLY D 99 -5.96 6.78 1.33
N ALA D 100 -7.23 7.19 1.38
CA ALA D 100 -7.61 8.40 0.70
C ALA D 100 -6.85 9.62 1.25
N ILE D 101 -6.81 9.80 2.56
CA ILE D 101 -6.07 10.95 3.10
C ILE D 101 -4.57 10.87 2.77
N ASP D 102 -3.97 9.66 2.83
CA ASP D 102 -2.57 9.47 2.48
C ASP D 102 -2.27 9.80 1.02
N ALA D 103 -3.26 9.73 0.13
CA ALA D 103 -3.04 10.18 -1.24
C ALA D 103 -3.20 11.70 -1.39
N LEU D 104 -3.67 12.41 -0.36
CA LEU D 104 -3.96 13.83 -0.44
C LEU D 104 -2.69 14.64 -0.28
N GLU D 105 -2.42 15.47 -1.28
CA GLU D 105 -1.29 16.41 -1.24
C GLU D 105 -1.79 17.73 -1.80
N PRO D 106 -2.29 18.62 -0.95
CA PRO D 106 -2.92 19.85 -1.43
C PRO D 106 -1.91 20.76 -2.13
N ALA D 107 -2.45 21.75 -2.84
CA ALA D 107 -1.62 22.73 -3.53
C ALA D 107 -1.29 23.95 -2.69
N SER D 108 -1.83 24.05 -1.47
CA SER D 108 -1.59 25.21 -0.61
C SER D 108 -2.31 25.00 0.71
N ASP D 109 -2.19 25.96 1.63
CA ASP D 109 -2.81 25.86 2.95
C ASP D 109 -3.96 26.82 3.14
N SER D 110 -4.34 27.60 2.12
CA SER D 110 -5.48 28.49 2.23
C SER D 110 -6.75 27.66 2.41
N CYS D 111 -7.84 28.34 2.82
CA CYS D 111 -9.13 27.67 2.91
C CYS D 111 -9.49 27.01 1.58
N GLU D 112 -9.23 27.72 0.49
CA GLU D 112 -9.69 27.25 -0.80
C GLU D 112 -9.01 25.94 -1.17
N ASP D 113 -7.69 25.90 -1.15
CA ASP D 113 -7.01 24.70 -1.61
C ASP D 113 -7.31 23.52 -0.71
N LEU D 114 -7.36 23.73 0.60
CA LEU D 114 -7.69 22.64 1.50
C LEU D 114 -9.08 22.09 1.21
N TYR D 115 -10.08 22.97 1.05
CA TYR D 115 -11.41 22.49 0.68
C TYR D 115 -11.36 21.71 -0.63
N MET D 116 -10.79 22.31 -1.68
CA MET D 116 -10.65 21.60 -2.94
C MET D 116 -10.09 20.19 -2.73
N ALA D 117 -9.06 20.06 -1.91
CA ALA D 117 -8.38 18.77 -1.81
C ALA D 117 -9.19 17.77 -0.99
N TYR D 118 -9.77 18.19 0.13
CA TYR D 118 -10.41 17.30 1.11
C TYR D 118 -11.89 17.02 0.80
N PHE D 119 -12.52 17.84 -0.03
CA PHE D 119 -13.96 17.69 -0.22
C PHE D 119 -14.38 16.30 -0.66
N PRO D 120 -13.83 15.73 -1.74
CA PRO D 120 -14.29 14.38 -2.15
C PRO D 120 -14.10 13.31 -1.07
N VAL D 121 -12.98 13.37 -0.34
CA VAL D 121 -12.77 12.52 0.82
C VAL D 121 -13.89 12.70 1.84
N HIS D 122 -14.27 13.95 2.13
CA HIS D 122 -15.37 14.22 3.05
C HIS D 122 -16.69 13.62 2.54
N GLU D 123 -17.09 13.98 1.33
CA GLU D 123 -18.33 13.47 0.77
C GLU D 123 -18.39 11.95 0.82
N THR D 124 -17.25 11.29 0.68
CA THR D 124 -17.26 9.84 0.65
C THR D 124 -17.20 9.22 2.03
N PHE D 125 -16.36 9.73 2.93
CA PHE D 125 -16.17 9.10 4.22
C PHE D 125 -16.66 9.95 5.39
N VAL D 126 -17.66 10.82 5.18
CA VAL D 126 -18.10 11.68 6.28
C VAL D 126 -18.53 10.86 7.49
N ASN D 127 -19.11 9.67 7.27
CA ASN D 127 -19.63 8.86 8.36
C ASN D 127 -18.54 8.10 9.09
N VAL D 128 -17.46 7.76 8.39
CA VAL D 128 -16.30 7.25 9.09
C VAL D 128 -15.70 8.37 9.94
N THR D 129 -15.65 9.58 9.39
CA THR D 129 -15.17 10.70 10.17
C THR D 129 -15.99 10.88 11.44
N ARG D 130 -17.32 10.89 11.31
CA ARG D 130 -18.16 11.10 12.49
C ARG D 130 -18.02 9.94 13.48
N LYS D 131 -17.76 8.72 13.00
CA LYS D 131 -17.49 7.62 13.93
C LYS D 131 -16.18 7.83 14.67
N LEU D 132 -15.12 8.23 13.97
CA LEU D 132 -13.82 8.37 14.61
C LEU D 132 -13.77 9.56 15.58
N TYR D 133 -14.26 10.72 15.16
CA TYR D 133 -14.07 11.96 15.93
C TYR D 133 -15.31 12.32 16.73
N HIS D 134 -16.01 11.31 17.22
CA HIS D 134 -17.17 11.51 18.09
C HIS D 134 -18.13 12.55 17.49
N GLY D 135 -18.40 12.43 16.19
CA GLY D 135 -19.26 13.39 15.54
C GLY D 135 -20.71 12.98 15.48
N THR D 136 -21.10 12.09 16.37
CA THR D 136 -22.52 11.82 16.59
C THR D 136 -22.81 11.91 18.09
N VAL D 137 -24.06 12.18 18.43
CA VAL D 137 -24.44 12.22 19.83
C VAL D 137 -24.37 10.83 20.46
N GLU D 138 -24.81 9.79 19.74
CA GLU D 138 -24.77 8.47 20.34
C GLU D 138 -23.33 7.96 20.53
N GLY D 139 -22.44 8.21 19.57
CA GLY D 139 -21.07 7.72 19.72
C GLY D 139 -20.33 8.47 20.80
N ALA D 140 -20.52 9.79 20.84
CA ALA D 140 -19.92 10.59 21.90
C ALA D 140 -20.42 10.11 23.27
N ALA D 141 -21.73 9.87 23.40
CA ALA D 141 -22.27 9.47 24.69
C ALA D 141 -21.74 8.10 25.14
N ARG D 142 -21.59 7.15 24.21
CA ARG D 142 -20.93 5.89 24.55
C ARG D 142 -19.53 6.13 25.11
N VAL D 143 -18.76 6.99 24.45
CA VAL D 143 -17.41 7.21 24.96
C VAL D 143 -17.46 7.84 26.35
N TYR D 144 -18.21 8.94 26.50
CA TYR D 144 -18.40 9.57 27.82
C TYR D 144 -18.73 8.54 28.88
N ASN D 145 -19.68 7.65 28.59
CA ASN D 145 -20.09 6.64 29.56
C ASN D 145 -19.02 5.59 29.81
N SER D 146 -18.03 5.50 28.93
CA SER D 146 -16.96 4.54 29.15
C SER D 146 -15.80 5.12 29.95
N ASP D 147 -15.82 6.42 30.26
CA ASP D 147 -14.65 7.10 30.80
C ASP D 147 -15.05 8.20 31.77
N PRO D 148 -15.23 7.86 33.02
CA PRO D 148 -15.66 8.85 34.02
C PRO D 148 -14.66 9.97 34.21
N ASN D 149 -13.52 9.90 33.53
CA ASN D 149 -12.55 10.97 33.67
C ASN D 149 -12.71 12.04 32.62
N LEU D 150 -13.78 11.98 31.81
CA LEU D 150 -14.03 12.98 30.80
C LEU D 150 -15.01 13.98 31.33
N LYS D 151 -14.77 15.26 31.03
CA LYS D 151 -15.75 16.31 31.29
C LYS D 151 -16.97 16.15 30.38
N ARG D 152 -18.14 15.98 30.96
CA ARG D 152 -19.38 15.86 30.19
C ARG D 152 -19.88 17.21 29.63
N LYS D 153 -20.94 17.11 28.81
CA LYS D 153 -21.50 18.23 28.03
C LYS D 153 -22.00 19.37 28.92
N ASN D 154 -22.97 19.11 29.78
CA ASN D 154 -23.59 20.12 30.65
C ASN D 154 -22.83 20.31 31.96
N GLU D 155 -21.58 19.87 32.04
CA GLU D 155 -20.81 19.94 33.27
C GLU D 155 -19.84 21.12 33.19
N SER D 156 -19.91 21.99 34.19
CA SER D 156 -18.95 23.08 34.26
C SER D 156 -17.52 22.55 34.39
N LEU D 157 -16.60 23.12 33.60
CA LEU D 157 -15.18 22.82 33.79
C LEU D 157 -14.73 22.99 35.23
N PHE D 158 -15.24 24.00 35.92
CA PHE D 158 -14.72 24.31 37.26
C PHE D 158 -15.19 23.26 38.27
N THR D 159 -16.46 22.85 38.21
CA THR D 159 -16.91 21.86 39.17
C THR D 159 -16.27 20.52 38.89
N TYR D 160 -16.01 20.25 37.61
CA TYR D 160 -15.32 19.04 37.23
C TYR D 160 -13.89 19.01 37.80
N CYS D 161 -13.16 20.12 37.64
CA CYS D 161 -11.83 20.17 38.24
C CYS D 161 -11.90 20.06 39.76
N GLU D 162 -12.88 20.72 40.40
CA GLU D 162 -12.99 20.60 41.85
C GLU D 162 -13.22 19.14 42.24
N LYS D 163 -14.05 18.44 41.49
CA LYS D 163 -14.35 17.05 41.82
C LYS D 163 -13.09 16.20 41.73
N HIS D 164 -12.22 16.53 40.79
CA HIS D 164 -11.00 15.73 40.61
C HIS D 164 -9.86 16.13 41.53
N VAL D 165 -9.82 17.38 41.99
CA VAL D 165 -8.68 17.91 42.75
C VAL D 165 -8.96 17.97 44.25
N TYR D 166 -10.10 18.53 44.62
CA TYR D 166 -10.44 18.61 46.03
C TYR D 166 -11.16 17.36 46.54
N GLY D 167 -12.24 16.96 45.87
CA GLY D 167 -13.05 15.87 46.36
C GLY D 167 -13.98 16.35 47.48
N ASP D 168 -14.26 15.44 48.41
CA ASP D 168 -15.03 15.77 49.59
C ASP D 168 -14.17 16.39 50.69
N GLN D 169 -12.89 16.62 50.42
CA GLN D 169 -11.96 17.06 51.45
C GLN D 169 -11.45 18.46 51.13
N ASN D 170 -11.08 19.21 52.17
CA ASN D 170 -10.53 20.55 51.98
C ASN D 170 -11.60 21.51 51.47
N ARG D 171 -12.78 21.44 52.10
CA ARG D 171 -13.88 22.30 51.69
C ARG D 171 -13.56 23.77 51.92
N GLU D 172 -12.91 24.10 53.05
CA GLU D 172 -12.66 25.52 53.33
C GLU D 172 -11.68 26.11 52.34
N ASP D 173 -10.63 25.36 52.02
CA ASP D 173 -9.69 25.83 51.01
C ASP D 173 -10.38 25.97 49.66
N MET D 174 -11.24 25.00 49.32
CA MET D 174 -11.94 25.10 48.04
C MET D 174 -12.87 26.32 48.02
N CYS D 175 -13.56 26.57 49.12
CA CYS D 175 -14.40 27.76 49.21
C CYS D 175 -13.58 29.02 49.02
N ARG D 176 -12.44 29.14 49.71
CA ARG D 176 -11.58 30.30 49.54
C ARG D 176 -11.09 30.41 48.09
N GLY D 177 -10.75 29.29 47.46
CA GLY D 177 -10.36 29.35 46.07
C GLY D 177 -11.48 29.88 45.18
N ARG D 178 -12.69 29.33 45.37
CA ARG D 178 -13.81 29.82 44.57
C ARG D 178 -14.10 31.29 44.85
N ARG D 179 -13.66 31.82 45.98
CA ARG D 179 -13.81 33.25 46.25
C ARG D 179 -12.65 34.09 45.73
N TYR D 180 -11.75 33.50 44.94
CA TYR D 180 -10.64 34.23 44.32
C TYR D 180 -9.56 34.61 45.34
N GLU D 181 -9.34 33.75 46.33
CA GLU D 181 -8.26 33.93 47.31
C GLU D 181 -7.05 33.09 46.93
N LEU D 182 -5.89 33.70 46.96
CA LEU D 182 -4.66 33.03 46.58
C LEU D 182 -4.09 32.33 47.82
N THR D 183 -4.67 31.17 48.15
CA THR D 183 -4.27 30.44 49.36
C THR D 183 -2.91 29.77 49.19
N GLY D 184 -2.45 29.63 47.95
CA GLY D 184 -1.18 28.98 47.72
C GLY D 184 -1.12 27.52 48.09
N SER D 185 -2.26 26.84 48.22
CA SER D 185 -2.24 25.43 48.56
C SER D 185 -1.95 24.55 47.35
N ASP D 186 -1.57 23.30 47.63
CA ASP D 186 -1.37 22.34 46.56
C ASP D 186 -2.64 22.14 45.77
N GLU D 187 -3.76 22.06 46.48
CA GLU D 187 -5.04 21.89 45.80
C GLU D 187 -5.33 23.09 44.90
N LEU D 188 -5.10 24.31 45.38
CA LEU D 188 -5.42 25.47 44.57
C LEU D 188 -4.56 25.52 43.29
N ARG D 189 -3.28 25.15 43.38
CA ARG D 189 -2.43 25.16 42.19
C ARG D 189 -2.79 24.03 41.21
N ASN D 190 -3.10 22.84 41.70
CA ASN D 190 -3.66 21.80 40.84
C ASN D 190 -4.97 22.25 40.19
N MET D 191 -5.84 22.88 40.97
CA MET D 191 -7.12 23.30 40.43
C MET D 191 -6.94 24.28 39.30
N ILE D 192 -6.06 25.26 39.51
CA ILE D 192 -5.82 26.23 38.44
C ILE D 192 -5.17 25.56 37.23
N GLU D 193 -4.29 24.59 37.43
CA GLU D 193 -3.70 23.96 36.26
C GLU D 193 -4.75 23.20 35.47
N CYS D 194 -5.59 22.44 36.18
CA CYS D 194 -6.71 21.77 35.52
C CYS D 194 -7.57 22.76 34.73
N VAL D 195 -8.00 23.87 35.35
CA VAL D 195 -8.82 24.87 34.66
C VAL D 195 -8.09 25.46 33.44
N PHE D 196 -6.90 26.01 33.65
CA PHE D 196 -6.18 26.58 32.51
C PHE D 196 -6.04 25.59 31.35
N ARG D 197 -5.76 24.31 31.66
CA ARG D 197 -5.65 23.31 30.59
C ARG D 197 -7.00 23.13 29.90
N GLY D 198 -8.07 22.93 30.67
CA GLY D 198 -9.37 22.73 30.04
C GLY D 198 -9.92 23.95 29.33
N LEU D 199 -9.43 25.14 29.66
CA LEU D 199 -9.83 26.36 28.96
C LEU D 199 -8.93 26.66 27.78
N ARG D 200 -7.87 25.89 27.60
CA ARG D 200 -6.90 26.18 26.57
C ARG D 200 -6.16 27.47 26.86
N TYR D 201 -6.07 27.80 28.16
CA TYR D 201 -5.22 28.90 28.60
C TYR D 201 -3.75 28.51 28.52
N ILE D 202 -3.45 27.24 28.69
CA ILE D 202 -2.12 26.71 28.50
C ILE D 202 -2.25 25.57 27.49
N LYS D 203 -1.37 25.54 26.50
CA LYS D 203 -1.34 24.46 25.51
C LYS D 203 0.02 23.79 25.56
N HIS D 204 0.10 22.65 26.25
CA HIS D 204 1.27 21.79 26.32
C HIS D 204 2.44 22.43 27.08
N GLY D 205 2.24 23.60 27.68
CA GLY D 205 3.27 24.15 28.54
C GLY D 205 3.44 25.66 28.39
N ASP D 206 2.77 26.25 27.40
CA ASP D 206 2.88 27.67 27.12
C ASP D 206 1.53 28.33 27.34
N ILE D 207 1.52 29.44 28.10
CA ILE D 207 0.30 30.19 28.31
C ILE D 207 -0.16 30.75 26.97
N ASN D 208 -1.46 30.63 26.71
CA ASN D 208 -2.09 31.08 25.48
C ASN D 208 -2.75 32.42 25.78
N ILE D 209 -2.02 33.50 25.54
CA ILE D 209 -2.50 34.84 25.86
C ILE D 209 -3.71 35.19 25.03
N ASP D 210 -3.80 34.65 23.82
CA ASP D 210 -4.93 34.97 22.96
C ASP D 210 -6.25 34.47 23.53
N GLU D 211 -6.24 33.32 24.20
CA GLU D 211 -7.48 32.77 24.75
C GLU D 211 -7.96 33.60 25.94
N ILE D 212 -7.03 34.07 26.77
CA ILE D 212 -7.42 34.99 27.83
C ILE D 212 -7.95 36.30 27.24
N VAL D 213 -7.25 36.87 26.25
CA VAL D 213 -7.75 38.06 25.54
C VAL D 213 -9.17 37.83 25.03
N ARG D 214 -9.42 36.68 24.43
CA ARG D 214 -10.76 36.36 23.94
C ARG D 214 -11.79 36.43 25.07
N ASP D 215 -11.55 35.70 26.16
CA ASP D 215 -12.49 35.76 27.26
C ASP D 215 -12.72 37.19 27.77
N PHE D 216 -11.70 38.06 27.70
CA PHE D 216 -11.91 39.46 28.04
C PHE D 216 -12.77 40.19 26.99
N ASP D 217 -12.58 39.83 25.72
CA ASP D 217 -13.45 40.36 24.67
C ASP D 217 -14.91 40.02 24.93
N HIS D 218 -15.16 38.79 25.42
CA HIS D 218 -16.53 38.34 25.63
C HIS D 218 -17.26 39.21 26.64
N ILE D 219 -16.60 39.66 27.71
CA ILE D 219 -17.28 40.49 28.70
C ILE D 219 -17.33 41.94 28.20
N ASN D 220 -17.09 42.13 26.90
CA ASN D 220 -17.11 43.47 26.31
C ASN D 220 -16.07 44.38 26.93
N ARG D 221 -14.86 43.86 27.11
CA ARG D 221 -13.76 44.63 27.67
C ARG D 221 -12.52 44.41 26.84
N GLY D 222 -12.66 44.56 25.52
CA GLY D 222 -11.50 44.45 24.65
C GLY D 222 -10.45 45.53 24.85
N ASP D 223 -10.86 46.72 25.34
CA ASP D 223 -9.89 47.80 25.55
C ASP D 223 -8.74 47.38 26.46
N LEU D 224 -8.97 46.40 27.33
CA LEU D 224 -7.95 45.94 28.26
C LEU D 224 -6.97 44.94 27.66
N GLU D 225 -7.06 44.64 26.36
CA GLU D 225 -6.05 43.80 25.72
C GLU D 225 -4.62 44.30 25.92
N PRO D 226 -4.26 45.53 25.57
CA PRO D 226 -2.90 45.99 25.89
C PRO D 226 -2.52 45.74 27.34
N ARG D 227 -3.49 45.77 28.25
CA ARG D 227 -3.18 45.50 29.64
C ARG D 227 -2.97 44.00 29.89
N VAL D 228 -3.93 43.17 29.49
CA VAL D 228 -3.82 41.72 29.71
C VAL D 228 -2.53 41.17 29.11
N ARG D 229 -2.26 41.52 27.84
CA ARG D 229 -1.05 41.04 27.18
C ARG D 229 0.19 41.52 27.92
N THR D 230 0.11 42.68 28.55
CA THR D 230 1.26 43.13 29.32
C THR D 230 1.36 42.43 30.67
N ILE D 231 0.23 42.04 31.27
CA ILE D 231 0.30 41.41 32.58
C ILE D 231 0.81 39.98 32.46
N LEU D 232 0.46 39.28 31.39
CA LEU D 232 0.88 37.89 31.25
C LEU D 232 2.32 37.77 30.76
N SER D 233 2.77 38.68 29.89
CA SER D 233 4.14 38.57 29.41
C SER D 233 5.14 39.02 30.49
N ASP D 234 4.75 39.97 31.34
CA ASP D 234 5.60 40.36 32.43
C ASP D 234 5.57 39.39 33.60
N CYS D 235 4.60 38.47 33.61
CA CYS D 235 4.43 37.56 34.74
C CYS D 235 5.65 36.67 34.92
N ARG D 236 6.17 36.63 36.14
CA ARG D 236 7.34 35.79 36.41
C ARG D 236 6.86 34.41 36.83
N GLY D 237 7.31 33.39 36.13
CA GLY D 237 6.85 32.03 36.32
C GLY D 237 6.06 31.55 35.12
N ILE D 238 6.14 30.24 34.86
CA ILE D 238 5.37 29.64 33.77
C ILE D 238 4.21 28.79 34.24
N GLN D 239 4.14 28.42 35.50
CA GLN D 239 3.06 27.54 35.93
C GLN D 239 1.74 28.31 35.92
N PRO D 240 0.61 27.61 35.67
CA PRO D 240 -0.68 28.31 35.53
C PRO D 240 -1.04 29.17 36.73
N TYR D 241 -0.95 28.63 37.95
CA TYR D 241 -1.19 29.44 39.15
C TYR D 241 -0.40 30.75 39.14
N ASP D 242 0.79 30.79 38.54
CA ASP D 242 1.57 32.02 38.46
C ASP D 242 0.84 33.10 37.64
N TYR D 243 0.33 32.71 36.47
CA TYR D 243 -0.43 33.65 35.65
C TYR D 243 -1.71 34.05 36.36
N TYR D 244 -2.34 33.08 37.03
CA TYR D 244 -3.54 33.35 37.81
C TYR D 244 -3.29 34.41 38.86
N SER D 245 -2.19 34.31 39.60
CA SER D 245 -1.84 35.32 40.58
C SER D 245 -1.57 36.65 39.90
N CYS D 246 -0.85 36.62 38.78
CA CYS D 246 -0.48 37.88 38.14
C CYS D 246 -1.73 38.64 37.74
N LEU D 247 -2.75 37.92 37.29
CA LEU D 247 -4.03 38.56 37.00
C LEU D 247 -4.74 39.02 38.28
N ILE D 248 -4.79 38.18 39.31
CA ILE D 248 -5.51 38.57 40.52
C ILE D 248 -4.83 39.76 41.17
N ASN D 249 -3.50 39.81 41.11
CA ASN D 249 -2.70 40.88 41.69
C ASN D 249 -2.42 41.99 40.67
N SER D 250 -3.46 42.52 40.05
CA SER D 250 -3.28 43.48 38.99
C SER D 250 -4.37 44.52 39.11
N ASP D 251 -4.36 45.48 38.20
CA ASP D 251 -5.33 46.57 38.15
C ASP D 251 -6.64 46.18 37.50
N ILE D 252 -6.72 44.97 36.94
CA ILE D 252 -7.94 44.49 36.30
C ILE D 252 -8.41 43.21 36.97
N ARG D 253 -8.18 43.10 38.29
CA ARG D 253 -8.60 41.92 39.04
C ARG D 253 -10.09 41.66 38.88
N GLU D 254 -10.91 42.69 39.07
CA GLU D 254 -12.35 42.48 39.04
C GLU D 254 -12.84 42.17 37.63
N GLU D 255 -12.22 42.77 36.62
CA GLU D 255 -12.58 42.46 35.24
C GLU D 255 -12.20 41.03 34.90
N PHE D 256 -11.03 40.59 35.39
CA PHE D 256 -10.65 39.20 35.23
C PHE D 256 -11.66 38.27 35.91
N LYS D 257 -12.21 38.67 37.06
CA LYS D 257 -13.23 37.83 37.70
C LYS D 257 -14.47 37.75 36.84
N LEU D 258 -14.91 38.89 36.31
CA LEU D 258 -16.03 38.90 35.39
C LEU D 258 -15.80 37.93 34.24
N ALA D 259 -14.61 38.00 33.64
CA ALA D 259 -14.34 37.24 32.43
C ALA D 259 -14.25 35.76 32.74
N PHE D 260 -13.58 35.42 33.86
CA PHE D 260 -13.42 34.07 34.34
C PHE D 260 -14.76 33.42 34.69
N ASP D 261 -15.65 34.14 35.39
CA ASP D 261 -16.98 33.58 35.67
C ASP D 261 -17.78 33.37 34.38
N TYR D 262 -17.72 34.33 33.45
CA TYR D 262 -18.47 34.16 32.21
C TYR D 262 -17.93 32.93 31.45
N ARG D 263 -16.61 32.77 31.42
CA ARG D 263 -16.02 31.62 30.76
C ARG D 263 -16.36 30.33 31.49
N ASP D 264 -16.57 30.41 32.81
CA ASP D 264 -17.05 29.25 33.57
C ASP D 264 -18.41 28.80 33.05
N VAL D 265 -19.35 29.73 33.02
CA VAL D 265 -20.66 29.46 32.43
C VAL D 265 -20.49 28.85 31.04
N ARG D 266 -19.75 29.52 30.15
CA ARG D 266 -19.66 29.06 28.77
C ARG D 266 -18.94 27.70 28.63
N SER D 267 -18.08 27.34 29.58
CA SER D 267 -17.51 26.00 29.62
C SER D 267 -18.52 24.94 30.06
N ALA D 268 -19.61 25.35 30.74
CA ALA D 268 -20.68 24.38 31.02
C ALA D 268 -21.54 24.06 29.79
N ASP D 269 -21.26 24.69 28.65
CA ASP D 269 -22.03 24.45 27.43
C ASP D 269 -21.22 24.97 26.24
N TYR D 270 -20.50 24.06 25.57
CA TYR D 270 -19.57 24.46 24.53
C TYR D 270 -20.23 25.11 23.33
N ALA D 271 -21.56 25.01 23.19
CA ALA D 271 -22.33 25.62 22.11
C ALA D 271 -22.98 26.95 22.53
N TYR D 272 -22.52 27.56 23.61
CA TYR D 272 -23.20 28.75 24.10
C TYR D 272 -23.32 29.83 23.03
N ILE D 273 -22.19 30.35 22.55
CA ILE D 273 -22.20 31.39 21.53
C ILE D 273 -22.89 30.91 20.26
N VAL D 274 -22.59 29.69 19.81
CA VAL D 274 -23.13 29.25 18.54
C VAL D 274 -24.66 29.39 18.52
N LYS D 275 -25.30 28.96 19.61
CA LYS D 275 -26.75 29.10 19.71
C LYS D 275 -27.21 30.54 19.71
N GLY D 276 -26.31 31.50 19.86
CA GLY D 276 -26.70 32.90 19.84
C GLY D 276 -26.92 33.50 21.21
N ASN D 277 -26.42 32.90 22.26
CA ASN D 277 -26.54 33.45 23.60
C ASN D 277 -25.55 34.58 23.82
N THR D 278 -26.02 35.66 24.46
CA THR D 278 -25.21 36.84 24.67
C THR D 278 -24.77 36.89 26.13
N TYR D 279 -24.02 37.93 26.47
CA TYR D 279 -23.46 38.09 27.81
C TYR D 279 -24.39 38.92 28.68
N ASP D 280 -24.53 38.51 29.94
CA ASP D 280 -25.36 39.22 30.92
C ASP D 280 -24.74 39.01 32.30
N ALA D 281 -24.11 40.05 32.82
CA ALA D 281 -23.34 39.89 34.05
C ALA D 281 -24.22 39.46 35.22
N GLN D 282 -25.45 39.94 35.28
CA GLN D 282 -26.30 39.65 36.43
C GLN D 282 -26.55 38.16 36.58
N LYS D 283 -26.91 37.48 35.49
CA LYS D 283 -27.14 36.04 35.58
C LYS D 283 -25.85 35.29 35.84
N VAL D 284 -24.75 35.72 35.23
CA VAL D 284 -23.48 35.04 35.48
C VAL D 284 -23.22 35.03 36.97
N ILE D 285 -23.35 36.21 37.57
CA ILE D 285 -23.04 36.36 38.99
C ILE D 285 -24.01 35.56 39.83
N ALA D 286 -25.28 35.55 39.44
CA ALA D 286 -26.27 34.79 40.22
C ALA D 286 -25.92 33.31 40.24
N GLU D 287 -25.60 32.75 39.07
CA GLU D 287 -25.19 31.35 39.02
C GLU D 287 -23.95 31.10 39.88
N MET D 288 -22.93 31.96 39.75
CA MET D 288 -21.73 31.82 40.56
C MET D 288 -22.07 31.88 42.05
N ASN D 289 -22.96 32.80 42.44
CA ASN D 289 -23.31 32.94 43.86
C ASN D 289 -24.02 31.69 44.37
N LYS D 290 -24.89 31.10 43.56
CA LYS D 290 -25.56 29.90 44.02
C LYS D 290 -24.54 28.78 44.25
N VAL D 291 -23.63 28.59 43.30
CA VAL D 291 -22.66 27.51 43.47
C VAL D 291 -21.69 27.83 44.61
N GLU D 292 -21.33 29.11 44.77
CA GLU D 292 -20.43 29.49 45.84
C GLU D 292 -21.08 29.32 47.21
N LYS D 293 -22.38 29.62 47.33
CA LYS D 293 -23.05 29.45 48.60
C LYS D 293 -23.17 27.98 48.93
N HIS D 294 -23.32 27.13 47.92
CA HIS D 294 -23.33 25.70 48.23
C HIS D 294 -21.95 25.22 48.69
N VAL D 295 -20.89 25.61 47.96
CA VAL D 295 -19.55 25.15 48.31
C VAL D 295 -19.15 25.68 49.69
N CYS D 296 -19.30 26.98 49.88
CA CYS D 296 -19.01 27.59 51.17
C CYS D 296 -20.06 27.26 52.20
N GLY D 297 -21.23 26.79 51.78
CA GLY D 297 -22.28 26.35 52.67
C GLY D 297 -22.49 27.28 53.84
OH SRO E . -10.56 -1.26 -49.08
CZ3 SRO E . -9.78 -2.13 -48.40
CH2 SRO E . -8.40 -2.05 -48.69
CZ2 SRO E . -7.51 -2.87 -48.05
CE2 SRO E . -8.00 -3.81 -47.16
NE1 SRO E . -7.35 -4.75 -46.41
CD1 SRO E . -8.26 -5.45 -45.69
CG SRO E . -9.52 -4.98 -45.89
CD2 SRO E . -9.38 -3.91 -46.87
CE3 SRO E . -10.27 -3.04 -47.50
CB SRO E . -10.79 -5.49 -45.29
CA SRO E . -10.64 -6.87 -44.66
NZ SRO E . -11.95 -7.37 -44.19
HOH SRO E . -10.35 -0.45 -48.87
HH2 SRO E . -8.10 -1.44 -49.33
HZ2 SRO E . -6.58 -2.80 -48.22
HNE1 SRO E . -6.47 -4.88 -46.41
HD1 SRO E . -8.03 -6.17 -45.10
HE3 SRO E . -11.19 -3.08 -47.31
HB1 SRO E . -11.46 -5.54 -45.99
HB2 SRO E . -11.09 -4.86 -44.62
HA1 SRO E . -10.03 -6.81 -43.89
HA2 SRO E . -10.26 -7.49 -45.31
HNZ1 SRO E . -12.56 -7.41 -44.83
HNZ2 SRO E . -12.25 -6.83 -43.56
C1 PUC F . -22.32 3.97 -26.52
O1 PUC F . -23.22 3.10 -26.55
C2 PUC F . -21.58 4.15 -25.21
O2 PUC F . -21.98 4.70 -27.51
C3 PUC F . -21.30 5.58 -24.80
O3 PUC F . -17.26 1.75 -15.91
C4 PUC F . -20.45 5.65 -23.55
C5 PUC F . -21.24 5.36 -22.32
O5 PUC F . -18.42 0.60 -22.04
C6 PUC F . -20.80 4.73 -21.26
C7 PUC F . -19.45 4.13 -21.09
C8 PUC F . -19.55 2.78 -20.40
C9 PUC F . -20.33 1.75 -21.24
C10 PUC F . -20.10 0.48 -20.44
C11 PUC F . -18.58 0.60 -20.60
C12 PUC F . -18.26 2.01 -20.11
C13 PUC F . -17.95 2.03 -18.64
C14 PUC F . -17.18 2.90 -18.04
C15 PUC F . -16.89 2.97 -16.57
C16 PUC F . -15.43 3.22 -16.26
C17 PUC F . -15.13 3.49 -14.80
C18 PUC F . -14.43 4.81 -14.63
C19 PUC F . -13.13 4.78 -13.87
C20 PUC F . -12.44 6.11 -13.83
C21 PUC F . -19.51 1.47 -22.49
H12 PUC F . -20.72 3.67 -25.28
H22 PUC F . -22.10 3.72 -24.51
H13 PUC F . -22.15 6.05 -24.63
H23 PUC F . -20.85 6.04 -25.52
H14 PUC F . -20.06 6.56 -23.48
H24 PUC F . -19.71 5.01 -23.62
H15 PUC F . -22.14 5.66 -22.31
H16 PUC F . -21.40 4.64 -20.52
H17 PUC F . -18.87 4.73 -20.56
H27 PUC F . -19.03 4.01 -21.98
H18 PUC F . -19.95 2.94 -19.51
H19 PUC F . -21.28 1.98 -21.40
H110 PUC F . -20.48 -0.32 -20.86
H210 PUC F . -20.40 0.55 -19.52
H111 PUC F . -18.07 -0.10 -20.12
H112 PUC F . -17.52 2.40 -20.65
H113 PUC F . -18.33 1.34 -18.12
H114 PUC F . -16.76 3.55 -18.58
H115 PUC F . -17.44 3.71 -16.21
H2O3 PUC F . -17.09 1.81 -15.09
H116 PUC F . -15.13 3.99 -16.80
H216 PUC F . -14.91 2.44 -16.55
H117 PUC F . -14.55 2.76 -14.45
H217 PUC F . -15.96 3.48 -14.28
H118 PUC F . -15.04 5.42 -14.16
H218 PUC F . -14.26 5.19 -15.52
H119 PUC F . -12.54 4.12 -14.30
H219 PUC F . -13.30 4.47 -12.96
H120 PUC F . -12.09 6.26 -12.93
H220 PUC F . -13.06 6.82 -14.06
H320 PUC F . -11.70 6.12 -14.46
H121 PUC F . -20.04 1.01 -23.17
H221 PUC F . -19.14 2.30 -22.86
OH SRO G . 32.08 17.55 34.43
CZ3 SRO G . 31.00 18.18 33.90
CH2 SRO G . 31.26 19.20 32.96
CZ2 SRO G . 30.23 19.88 32.36
CE2 SRO G . 28.93 19.56 32.75
NE1 SRO G . 27.73 20.08 32.35
CD1 SRO G . 26.71 19.44 33.01
CG SRO G . 27.23 18.50 33.86
CD2 SRO G . 28.66 18.56 33.70
CE3 SRO G . 29.73 17.87 34.28
CB SRO G . 26.48 17.59 34.78
CA SRO G . 25.06 17.27 34.33
NZ SRO G . 24.16 18.41 34.49
C1 PUC H . 19.56 -4.92 28.29
O1 PUC H . 18.70 -4.84 29.21
C2 PUC H . 19.07 -5.17 26.87
O2 PUC H . 20.80 -4.80 28.49
C3 PUC H . 20.18 -5.66 25.94
O3 PUC H . 12.24 -5.12 18.81
C4 PUC H . 19.79 -5.82 24.48
C5 PUC H . 18.70 -6.82 24.20
O5 PUC H . 14.88 -2.36 23.54
C6 PUC H . 17.63 -6.58 23.47
C7 PUC H . 17.22 -5.28 22.83
C8 PUC H . 15.70 -5.10 22.89
C9 PUC H . 15.24 -4.60 24.28
C10 PUC H . 13.76 -4.33 24.08
C11 PUC H . 14.03 -3.36 22.93
C12 PUC H . 15.00 -4.10 21.98
C13 PUC H . 14.21 -4.75 20.86
C14 PUC H . 14.39 -4.52 19.58
C15 PUC H . 13.65 -5.20 18.49
C16 PUC H . 13.82 -4.70 17.07
C17 PUC H . 13.13 -5.62 16.07
C18 PUC H . 13.91 -5.91 14.83
C19 PUC H . 13.97 -4.77 13.86
C20 PUC H . 14.84 -5.12 12.68
C21 PUC H . 15.76 -3.15 24.39
H12 PUC H . 18.70 -4.33 26.51
H22 PUC H . 18.35 -5.83 26.89
H13 PUC H . 20.50 -6.53 26.27
H23 PUC H . 20.93 -5.03 25.99
H14 PUC H . 20.59 -6.08 23.97
H24 PUC H . 19.49 -4.94 24.15
H15 PUC H . 18.81 -7.68 24.58
H16 PUC H . 17.05 -7.31 23.34
H17 PUC H . 17.51 -5.28 21.88
H27 PUC H . 17.66 -4.52 23.28
H18 PUC H . 15.31 -5.97 22.61
H19 PUC H . 15.44 -5.23 25.02
H110 PUC H . 13.34 -3.90 24.86
H210 PUC H . 13.25 -5.12 23.81
H111 PUC H . 13.20 -3.05 22.51
H112 PUC H . 15.69 -3.48 21.60
H113 PUC H . 13.55 -5.35 21.12
H114 PUC H . 15.05 -3.90 19.33
H115 PUC H . 14.00 -6.14 18.46
H2O3 PUC H . 11.80 -5.58 18.25
H116 PUC H . 14.78 -4.65 16.86
H216 PUC H . 13.45 -3.79 16.99
H117 PUC H . 12.28 -5.21 15.81
H217 PUC H . 12.93 -6.47 16.52
H118 PUC H . 13.50 -6.69 14.38
H218 PUC H . 14.83 -6.15 15.08
H119 PUC H . 14.33 -3.98 14.31
H219 PUC H . 13.07 -4.56 13.55
H120 PUC H . 14.28 -5.25 11.89
H220 PUC H . 15.33 -5.93 12.87
H320 PUC H . 15.46 -4.39 12.51
H121 PUC H . 15.70 -2.84 25.32
H221 PUC H . 16.69 -3.09 24.08
OH SRO I . -12.35 -42.01 -27.01
CZ3 SRO I . -11.08 -42.06 -27.48
CH2 SRO I . -10.80 -41.46 -28.71
CZ2 SRO I . -9.53 -41.49 -29.23
CE2 SRO I . -8.55 -42.16 -28.51
NE1 SRO I . -7.22 -42.35 -28.79
CD1 SRO I . -6.66 -43.08 -27.77
CG SRO I . -7.60 -43.36 -26.81
CD2 SRO I . -8.82 -42.78 -27.28
CE3 SRO I . -10.13 -42.73 -26.76
CB SRO I . -7.40 -44.13 -25.55
CA SRO I . -5.95 -44.58 -25.34
NZ SRO I . -5.87 -45.46 -24.17
HOH SRO I . -12.63 -41.20 -27.02
HH2 SRO I . -11.48 -41.01 -29.18
HZ2 SRO I . -9.33 -41.08 -30.05
HNE1 SRO I . -6.80 -42.06 -29.50
HD1 SRO I . -5.75 -43.35 -27.74
HE3 SRO I . -10.34 -43.13 -25.94
HB1 SRO I . -7.97 -44.91 -25.56
HB2 SRO I . -7.66 -43.57 -24.79
HA1 SRO I . -5.37 -43.80 -25.19
HA2 SRO I . -5.63 -45.05 -26.13
HNZ1 SRO I . -5.03 -45.63 -23.95
HNZ2 SRO I . -6.28 -45.14 -23.45
C1 PUC J . -4.22 -34.22 -3.33
O1 PUC J . -3.95 -35.45 -3.21
C2 PUC J . -3.14 -33.21 -2.96
O2 PUC J . -5.31 -33.77 -3.74
C3 PUC J . -3.61 -31.77 -3.04
O3 PUC J . 7.13 -29.67 -2.70
C4 PUC J . -2.47 -30.77 -3.00
C5 PUC J . -1.72 -30.88 -1.72
O5 PUC J . 2.40 -33.50 -4.68
C6 PUC J . -0.41 -30.85 -1.59
C7 PUC J . 0.60 -30.74 -2.68
C8 PUC J . 1.77 -31.68 -2.42
C9 PUC J . 1.34 -33.15 -2.58
C10 PUC J . 2.68 -33.85 -2.42
C11 PUC J . 3.27 -33.09 -3.61
C12 PUC J . 2.99 -31.61 -3.30
C13 PUC J . 4.17 -31.03 -2.57
C14 PUC J . 4.60 -29.78 -2.59
C15 PUC J . 5.92 -29.32 -2.07
C16 PUC J . 5.75 -27.80 -2.23
C17 PUC J . 6.90 -27.12 -2.97
C18 PUC J . 7.31 -25.75 -2.47
C19 PUC J . 7.73 -24.75 -3.53
C20 PUC J . 7.31 -23.33 -3.23
C21 PUC J . 1.08 -33.40 -4.08
H12 PUC J . -2.38 -33.33 -3.58
H22 PUC J . -2.83 -33.39 -2.05
H13 PUC J . -4.22 -31.58 -2.29
H23 PUC J . -4.11 -31.63 -3.87
H14 PUC J . -2.83 -29.86 -3.09
H24 PUC J . -1.86 -30.94 -3.75
H15 PUC J . -2.23 -30.98 -0.93
H16 PUC J . -0.07 -30.91 -0.70
H17 PUC J . 0.93 -29.82 -2.74
H27 PUC J . 0.19 -30.96 -3.54
H18 PUC J . 2.12 -31.46 -1.52
H19 PUC J . 0.63 -33.45 -1.97
H110 PUC J . 2.64 -34.82 -2.55
H210 PUC J . 3.12 -33.65 -1.57
H111 PUC J . 4.23 -33.27 -3.78
H112 PUC J . 2.77 -31.10 -4.13
H113 PUC J . 4.66 -31.63 -2.04
H114 PUC J . 4.02 -29.13 -2.96
H115 PUC J . 6.08 -29.72 -1.18
H2O3 PUC J . 7.25 -30.52 -2.63
H116 PUC J . 5.66 -27.39 -1.34
H216 PUC J . 4.91 -27.62 -2.71
H117 PUC J . 6.65 -27.03 -3.92
H217 PUC J . 7.69 -27.71 -2.92
H118 PUC J . 8.05 -25.86 -1.83
H218 PUC J . 6.55 -25.36 -1.97
H119 PUC J . 7.35 -25.03 -4.39
H219 PUC J . 8.71 -24.78 -3.61
H120 PUC J . 8.06 -22.83 -2.87
H220 PUC J . 6.59 -23.34 -2.56
H320 PUC J . 6.99 -22.91 -4.04
H121 PUC J . 0.58 -34.23 -4.20
H221 PUC J . 0.57 -32.65 -4.47
OH SRO K . -12.58 25.62 43.36
CZ3 SRO K . -12.23 26.78 42.73
CH2 SRO K . -10.93 27.23 42.96
CZ2 SRO K . -10.46 28.39 42.38
CE2 SRO K . -11.33 29.08 41.57
NE1 SRO K . -11.14 30.25 40.87
CD1 SRO K . -12.29 30.56 40.20
CG SRO K . -13.24 29.62 40.43
CD2 SRO K . -12.65 28.65 41.31
CE3 SRO K . -13.10 27.46 41.92
CB SRO K . -14.64 29.56 39.87
CA SRO K . -15.15 30.92 39.40
NZ SRO K . -16.57 30.86 39.07
C1 PUC L . -23.51 16.72 21.27
O1 PUC L . -24.46 17.47 20.88
C2 PUC L . -22.23 16.75 20.46
O2 PUC L . -23.58 15.99 22.27
C3 PUC L . -21.86 15.42 19.80
O3 PUC L . -19.36 20.87 10.81
C4 PUC L . -21.14 15.61 18.47
C5 PUC L . -22.08 15.65 17.31
O5 PUC L . -21.05 21.06 16.98
C6 PUC L . -21.98 16.45 16.27
C7 PUC L . -20.89 17.46 16.04
C8 PUC L . -21.40 18.71 15.33
C9 PUC L . -22.52 19.37 16.17
C10 PUC L . -22.78 20.66 15.45
C11 PUC L . -21.33 21.09 15.57
C12 PUC L . -20.52 19.91 15.01
C13 PUC L . -20.41 19.96 13.51
C14 PUC L . -19.57 19.31 12.74
C15 PUC L . -19.51 19.53 11.25
C16 PUC L . -18.26 18.76 10.80
C17 PUC L . -17.42 19.50 9.77
C18 PUC L . -16.50 18.58 8.99
C19 PUC L . -15.11 19.06 8.65
C20 PUC L . -14.22 17.88 8.37
C21 PUC L . -21.87 19.93 17.44
H12 PUC L . -21.50 17.02 21.06
H22 PUC L . -22.31 17.42 19.76
H13 PUC L . -22.67 14.89 19.66
H23 PUC L . -21.27 14.92 20.41
H14 PUC L . -20.51 14.86 18.35
H24 PUC L . -20.62 16.43 18.50
H15 PUC L . -22.81 15.06 17.33
H16 PUC L . -22.65 16.38 15.60
H17 PUC L . -20.17 17.05 15.50
H27 PUC L . -20.50 17.73 16.91
H18 PUC L . -21.63 18.41 14.41
H19 PUC L . -23.30 18.78 16.29
H110 PUC L . -23.41 21.25 15.93
H210 PUC L . -23.08 20.54 14.52
H111 PUC L . -21.18 21.95 15.12
H112 PUC L . -19.65 19.90 15.49
H113 PUC L . -21.02 20.54 13.08
H114 PUC L . -18.98 18.69 13.13
H115 PUC L . -20.38 19.27 10.86
H2O3 PUC L . -20.02 21.33 11.07
H116 PUC L . -18.55 17.90 10.43
H216 PUC L . -17.72 18.58 11.59
H117 PUC L . -16.87 20.16 10.24
H217 PUC L . -18.00 19.97 9.15
H118 PUC L . -16.96 18.37 8.14
H218 PUC L . -16.41 17.74 9.50
H119 PUC L . -14.75 19.58 9.41
H219 PUC L . -15.15 19.65 7.87
H120 PUC L . -13.84 17.97 7.47
H220 PUC L . -14.74 17.06 8.42
H320 PUC L . -13.50 17.85 9.02
H121 PUC L . -22.55 20.23 18.08
H221 PUC L . -21.30 19.25 17.87
#